data_8A8Y
#
_entry.id   8A8Y
#
_cell.length_a   119.164
_cell.length_b   144.247
_cell.length_c   142.911
_cell.angle_alpha   90.000
_cell.angle_beta   90.000
_cell.angle_gamma   90.000
#
_symmetry.space_group_name_H-M   'C 2 2 21'
#
loop_
_entity.id
_entity.type
_entity.pdbx_description
1 polymer '1-deoxy-D-xylulose-5-phosphate synthase'
2 water water
#
_entity_poly.entity_id   1
_entity_poly.type   'polypeptide(L)'
_entity_poly.pdbx_seq_one_letter_code
;MSFDIAKYPTLALVDSTQELRLLPKESLPKLCDELRRYLLDSVSRSSGHFASGLGTVELTVALHYVYNTPFDRLIWDVGH
QAYPHKILTGRRDKIGTIRQKGGLHPFPWRGESEYDVLSVGHSSTSISAGIGVAIAAAKEDKQRRAVCVIGDGAITAGMA
FEAMNHAGDIKPDLLVVLNDNEMSISENVGALNNHLAGGGGGGGPGTLFEELGFNYIGPVDGHDVLGLVSTLKNMRDLKG
PQFLHIMTKKGRGYEPAEKDPITFHAVPKFDHTSGVLPKSSGGLPSYSKIFGDWLCETAAKDNKLMAITPAMREGSGMVE
FSKKFPDRYFDVAIAEQHAVTFAAGLAIGDYKPVVAIYSTFLQRAYDQVIHDVAIQKLPVLFAIDRAGIVGADGQTHQGA
FDLSFLRCIPDMVVMTPSDENECRQMLYTGYHYSDGPCAVRYPRGSGTGATLEPLASLPIGKGVVKRQGEKIAILNFGTL
LPEAAAVADKLNATLVDMRFVKPLDTALILQLAGEHDALVTLEENAIMGGAGSGVNEVLMAHRRAVPVLNIGLPDYFIPQ
GTQEEIRADLGLDAAGIEAKIRDWLA
;
_entity_poly.pdbx_strand_id   A,B
#
# COMPACT_ATOMS: atom_id res chain seq x y z
N ALA A 6 36.09 -14.26 30.06
CA ALA A 6 37.20 -13.68 30.81
C ALA A 6 36.85 -12.28 31.28
N LYS A 7 36.70 -11.36 30.31
CA LYS A 7 36.30 -9.99 30.63
C LYS A 7 34.87 -9.94 31.12
N TYR A 8 34.04 -10.90 30.71
CA TYR A 8 32.63 -10.96 31.09
C TYR A 8 32.37 -12.35 31.64
N PRO A 9 32.57 -12.56 32.95
CA PRO A 9 32.56 -13.93 33.48
C PRO A 9 31.24 -14.66 33.29
N THR A 10 30.13 -14.06 33.75
CA THR A 10 28.84 -14.76 33.64
C THR A 10 28.42 -14.90 32.19
N LEU A 11 28.84 -13.97 31.33
CA LEU A 11 28.53 -14.07 29.91
C LEU A 11 29.30 -15.21 29.26
N ALA A 12 30.52 -15.49 29.74
CA ALA A 12 31.31 -16.58 29.19
C ALA A 12 30.69 -17.95 29.48
N LEU A 13 29.88 -18.05 30.53
CA LEU A 13 29.31 -19.33 30.93
C LEU A 13 28.07 -19.70 30.13
N VAL A 14 27.59 -18.82 29.26
CA VAL A 14 26.40 -19.08 28.46
C VAL A 14 26.79 -19.13 26.99
N ASP A 15 26.39 -20.22 26.32
CA ASP A 15 26.48 -20.33 24.88
C ASP A 15 25.13 -20.52 24.21
N SER A 16 24.08 -20.78 24.98
CA SER A 16 22.73 -20.89 24.45
C SER A 16 21.75 -20.39 25.50
N THR A 17 20.53 -20.06 25.06
CA THR A 17 19.52 -19.58 25.99
C THR A 17 19.13 -20.64 27.00
N GLN A 18 19.23 -21.92 26.63
CA GLN A 18 18.87 -22.99 27.55
C GLN A 18 19.77 -23.01 28.77
N GLU A 19 21.06 -22.69 28.58
CA GLU A 19 21.99 -22.66 29.71
C GLU A 19 21.76 -21.43 30.58
N LEU A 20 21.30 -20.32 29.99
CA LEU A 20 21.01 -19.12 30.77
C LEU A 20 19.96 -19.41 31.83
N ARG A 21 18.93 -20.18 31.49
CA ARG A 21 17.87 -20.51 32.43
C ARG A 21 18.34 -21.40 33.56
N LEU A 22 19.54 -21.99 33.45
CA LEU A 22 20.11 -22.77 34.55
C LEU A 22 20.83 -21.90 35.56
N LEU A 23 21.14 -20.65 35.21
CA LEU A 23 21.85 -19.78 36.14
C LEU A 23 20.94 -19.39 37.31
N PRO A 24 21.53 -19.11 38.47
CA PRO A 24 20.71 -18.67 39.60
C PRO A 24 20.07 -17.33 39.33
N LYS A 25 18.85 -17.15 39.84
CA LYS A 25 18.12 -15.91 39.62
C LYS A 25 18.91 -14.70 40.09
N GLU A 26 19.78 -14.88 41.09
CA GLU A 26 20.48 -13.76 41.70
C GLU A 26 21.66 -13.28 40.87
N SER A 27 22.06 -14.01 39.83
CA SER A 27 23.20 -13.63 39.01
C SER A 27 22.80 -12.81 37.78
N LEU A 28 21.52 -12.53 37.60
CA LEU A 28 21.03 -11.84 36.41
C LEU A 28 21.44 -10.37 36.41
N PRO A 29 21.35 -9.65 37.54
CA PRO A 29 21.68 -8.21 37.51
C PRO A 29 23.04 -7.90 36.89
N LYS A 30 24.10 -8.59 37.30
CA LYS A 30 25.41 -8.32 36.72
C LYS A 30 25.54 -8.93 35.34
N LEU A 31 24.85 -10.04 35.07
CA LEU A 31 24.78 -10.55 33.71
C LEU A 31 24.28 -9.48 32.75
N CYS A 32 23.37 -8.62 33.21
CA CYS A 32 22.88 -7.52 32.38
C CYS A 32 23.97 -6.48 32.17
N ASP A 33 24.70 -6.13 33.23
CA ASP A 33 25.77 -5.15 33.09
C ASP A 33 26.87 -5.68 32.18
N GLU A 34 27.27 -6.94 32.36
CA GLU A 34 28.26 -7.53 31.48
C GLU A 34 27.77 -7.52 30.02
N LEU A 35 26.48 -7.79 29.82
CA LEU A 35 25.93 -7.73 28.46
C LEU A 35 25.93 -6.31 27.93
N ARG A 36 25.58 -5.34 28.76
CA ARG A 36 25.55 -3.95 28.31
C ARG A 36 26.95 -3.48 27.92
N ARG A 37 27.94 -3.73 28.78
CA ARG A 37 29.30 -3.30 28.48
C ARG A 37 29.86 -4.04 27.27
N TYR A 38 29.48 -5.31 27.09
CA TYR A 38 29.94 -6.06 25.93
C TYR A 38 29.47 -5.41 24.63
N LEU A 39 28.25 -4.89 24.62
CA LEU A 39 27.72 -4.26 23.41
C LEU A 39 28.51 -3.01 23.03
N LEU A 40 29.18 -2.38 23.98
CA LEU A 40 29.93 -1.17 23.68
C LEU A 40 31.24 -1.44 22.96
N ASP A 41 31.65 -2.70 22.85
CA ASP A 41 32.71 -3.11 21.94
C ASP A 41 32.07 -4.00 20.87
N SER A 42 31.30 -3.36 19.98
CA SER A 42 30.54 -4.05 18.96
C SER A 42 31.41 -5.01 18.15
N SER A 52 22.25 2.04 20.64
CA SER A 52 22.47 0.83 19.86
C SER A 52 21.47 -0.26 20.26
N GLY A 53 20.58 0.06 21.18
CA GLY A 53 19.60 -0.88 21.68
C GLY A 53 19.88 -1.44 23.06
N LEU A 54 20.72 -0.77 23.86
CA LEU A 54 21.03 -1.27 25.19
C LEU A 54 19.86 -1.13 26.16
N GLY A 55 18.88 -0.28 25.84
CA GLY A 55 17.76 -0.07 26.74
C GLY A 55 16.93 -1.31 26.98
N THR A 56 17.04 -2.31 26.11
CA THR A 56 16.27 -3.54 26.22
C THR A 56 17.09 -4.69 26.80
N VAL A 57 18.28 -4.41 27.32
CA VAL A 57 19.13 -5.46 27.90
C VAL A 57 18.37 -6.22 28.98
N GLU A 58 17.86 -5.49 29.98
CA GLU A 58 17.19 -6.14 31.09
C GLU A 58 15.96 -6.92 30.63
N LEU A 59 15.16 -6.33 29.73
CA LEU A 59 14.01 -7.02 29.19
C LEU A 59 14.43 -8.29 28.47
N THR A 60 15.45 -8.19 27.62
CA THR A 60 15.92 -9.36 26.88
C THR A 60 16.33 -10.49 27.82
N VAL A 61 17.11 -10.17 28.86
CA VAL A 61 17.55 -11.18 29.81
C VAL A 61 16.34 -11.81 30.50
N ALA A 62 15.41 -10.97 30.96
CA ALA A 62 14.27 -11.49 31.70
C ALA A 62 13.39 -12.38 30.83
N LEU A 63 13.16 -11.97 29.58
CA LEU A 63 12.31 -12.76 28.70
C LEU A 63 12.91 -14.13 28.44
N HIS A 64 14.20 -14.18 28.12
CA HIS A 64 14.86 -15.46 27.85
C HIS A 64 15.03 -16.29 29.11
N TYR A 65 15.03 -15.67 30.29
CA TYR A 65 15.10 -16.43 31.53
C TYR A 65 13.74 -16.99 31.92
N VAL A 66 12.66 -16.33 31.53
CA VAL A 66 11.32 -16.77 31.90
C VAL A 66 10.69 -17.66 30.83
N TYR A 67 10.93 -17.35 29.56
CA TYR A 67 10.32 -18.08 28.46
C TYR A 67 11.25 -19.18 27.95
N ASN A 68 10.64 -20.27 27.50
CA ASN A 68 11.38 -21.45 27.05
C ASN A 68 11.80 -21.31 25.58
N THR A 69 12.63 -20.31 25.35
CA THR A 69 13.12 -20.06 23.99
C THR A 69 14.18 -21.10 23.61
N PRO A 70 14.33 -21.39 22.30
CA PRO A 70 13.57 -20.82 21.18
C PRO A 70 12.23 -21.50 20.92
N PHE A 71 11.86 -22.49 21.74
CA PHE A 71 10.56 -23.14 21.56
C PHE A 71 9.43 -22.12 21.69
N ASP A 72 9.41 -21.38 22.79
CA ASP A 72 8.52 -20.24 22.90
C ASP A 72 8.95 -19.16 21.92
N ARG A 73 7.97 -18.52 21.27
CA ARG A 73 8.24 -17.58 20.20
C ARG A 73 8.30 -16.15 20.75
N LEU A 74 9.44 -15.49 20.53
CA LEU A 74 9.64 -14.10 20.93
C LEU A 74 9.85 -13.26 19.68
N ILE A 75 8.97 -12.28 19.48
CA ILE A 75 8.94 -11.50 18.25
C ILE A 75 9.25 -10.05 18.59
N TRP A 76 10.34 -9.53 18.04
CA TRP A 76 10.77 -8.16 18.28
C TRP A 76 10.33 -7.27 17.12
N ASP A 77 9.70 -6.15 17.45
CA ASP A 77 9.26 -5.20 16.44
C ASP A 77 10.43 -4.36 15.94
N HIS A 80 16.90 0.62 17.28
CA HIS A 80 15.70 -0.19 17.14
C HIS A 80 16.02 -1.69 17.23
N GLN A 81 16.54 -2.25 16.14
CA GLN A 81 16.68 -3.69 16.01
C GLN A 81 17.52 -4.29 17.14
N ALA A 82 16.84 -4.66 18.23
CA ALA A 82 17.41 -5.32 19.39
C ALA A 82 18.65 -6.15 19.07
N TYR A 83 19.83 -5.66 19.49
CA TYR A 83 21.06 -6.44 19.38
C TYR A 83 21.20 -7.42 20.54
N PRO A 84 20.83 -7.05 21.78
CA PRO A 84 20.96 -8.00 22.89
C PRO A 84 20.32 -9.35 22.60
N HIS A 85 19.16 -9.35 21.95
CA HIS A 85 18.48 -10.61 21.64
C HIS A 85 19.32 -11.49 20.71
N LYS A 86 20.06 -10.86 19.79
CA LYS A 86 20.84 -11.63 18.83
C LYS A 86 22.12 -12.19 19.44
N ILE A 87 22.67 -11.54 20.46
CA ILE A 87 23.86 -12.06 21.12
C ILE A 87 23.54 -13.36 21.84
N LEU A 88 22.41 -13.39 22.56
CA LEU A 88 22.04 -14.55 23.35
C LEU A 88 21.54 -15.71 22.50
N THR A 89 21.10 -15.46 21.27
CA THR A 89 20.59 -16.51 20.40
C THR A 89 21.60 -16.95 19.35
N GLY A 90 22.17 -16.00 18.61
CA GLY A 90 23.14 -16.32 17.58
C GLY A 90 23.07 -15.38 16.39
N GLY A 121 14.26 -3.45 8.58
CA GLY A 121 12.96 -4.01 8.90
C GLY A 121 11.89 -2.95 9.17
N HIS A 122 10.70 -3.18 8.63
CA HIS A 122 9.60 -2.24 8.82
C HIS A 122 8.96 -2.45 10.18
N SER A 123 8.59 -1.34 10.82
CA SER A 123 8.12 -1.37 12.19
C SER A 123 6.63 -1.69 12.25
N SER A 124 6.17 -1.97 13.47
CA SER A 124 4.76 -2.17 13.81
C SER A 124 4.20 -3.51 13.35
N THR A 125 5.04 -4.41 12.85
CA THR A 125 4.57 -5.69 12.33
C THR A 125 4.58 -6.79 13.38
N SER A 126 5.07 -6.52 14.59
CA SER A 126 5.29 -7.58 15.56
C SER A 126 3.99 -8.14 16.10
N ILE A 127 3.05 -7.27 16.49
CA ILE A 127 1.81 -7.73 17.10
C ILE A 127 1.03 -8.58 16.09
N SER A 128 0.93 -8.12 14.85
CA SER A 128 0.17 -8.85 13.84
C SER A 128 0.68 -10.27 13.69
N ALA A 129 1.97 -10.42 13.38
CA ALA A 129 2.55 -11.75 13.26
C ALA A 129 2.49 -12.50 14.57
N GLY A 130 2.66 -11.78 15.69
CA GLY A 130 2.58 -12.43 16.99
C GLY A 130 1.23 -13.06 17.25
N ILE A 131 0.15 -12.42 16.78
CA ILE A 131 -1.18 -13.00 16.93
C ILE A 131 -1.30 -14.27 16.10
N GLY A 132 -0.80 -14.25 14.87
CA GLY A 132 -0.81 -15.45 14.05
C GLY A 132 -0.02 -16.58 14.68
N VAL A 133 1.15 -16.26 15.23
CA VAL A 133 1.96 -17.28 15.92
C VAL A 133 1.21 -17.79 17.15
N ALA A 134 0.55 -16.90 17.88
CA ALA A 134 -0.18 -17.31 19.07
C ALA A 134 -1.33 -18.24 18.72
N ILE A 135 -2.06 -17.93 17.65
CA ILE A 135 -3.16 -18.80 17.23
C ILE A 135 -2.62 -20.15 16.80
N ALA A 136 -1.53 -20.16 16.03
CA ALA A 136 -0.95 -21.42 15.60
C ALA A 136 -0.49 -22.25 16.80
N ALA A 137 0.08 -21.60 17.82
CA ALA A 137 0.54 -22.32 19.00
C ALA A 137 -0.63 -22.94 19.75
N ALA A 138 -1.76 -22.24 19.81
CA ALA A 138 -2.94 -22.80 20.47
C ALA A 138 -3.44 -24.04 19.73
N LYS A 139 -3.49 -23.98 18.41
CA LYS A 139 -3.93 -25.13 17.63
C LYS A 139 -2.92 -26.27 17.73
N GLU A 140 -1.62 -25.95 17.72
CA GLU A 140 -0.60 -26.98 17.92
C GLU A 140 -0.85 -27.76 19.20
N ASP A 141 -1.35 -27.09 20.23
CA ASP A 141 -1.73 -27.73 21.49
C ASP A 141 -0.54 -28.42 22.16
N LYS A 142 0.60 -27.73 22.18
CA LYS A 142 1.78 -28.25 22.87
C LYS A 142 2.33 -27.23 23.86
N GLN A 143 1.50 -26.30 24.31
CA GLN A 143 1.85 -25.34 25.35
C GLN A 143 2.95 -24.38 24.91
N ARG A 144 3.06 -24.12 23.62
CA ARG A 144 4.01 -23.14 23.11
C ARG A 144 3.47 -21.74 23.37
N ARG A 145 4.31 -20.86 23.92
CA ARG A 145 3.93 -19.52 24.29
C ARG A 145 4.48 -18.51 23.29
N ALA A 146 3.82 -17.36 23.22
CA ALA A 146 4.17 -16.31 22.27
C ALA A 146 4.26 -14.97 22.98
N VAL A 147 5.34 -14.23 22.71
CA VAL A 147 5.52 -12.87 23.21
C VAL A 147 5.95 -12.01 22.04
N CYS A 148 5.58 -10.74 22.10
CA CYS A 148 6.06 -9.77 21.13
C CYS A 148 6.39 -8.46 21.85
N VAL A 149 7.51 -7.87 21.49
CA VAL A 149 7.95 -6.59 22.02
C VAL A 149 7.77 -5.54 20.94
N ILE A 150 7.13 -4.43 21.29
CA ILE A 150 6.88 -3.35 20.37
C ILE A 150 7.28 -2.04 21.03
N GLY A 151 7.88 -1.14 20.23
CA GLY A 151 8.36 0.12 20.77
C GLY A 151 7.27 1.18 20.83
N ASP A 152 7.59 2.26 21.54
CA ASP A 152 6.64 3.35 21.70
C ASP A 152 6.33 4.03 20.37
N GLY A 153 7.27 4.01 19.42
CA GLY A 153 7.02 4.59 18.12
C GLY A 153 6.23 3.66 17.22
N ALA A 154 6.58 2.37 17.22
CA ALA A 154 5.94 1.42 16.32
C ALA A 154 4.47 1.24 16.64
N ILE A 155 4.08 1.40 17.90
CA ILE A 155 2.70 1.17 18.29
C ILE A 155 1.77 2.29 17.83
N THR A 156 2.31 3.37 17.27
CA THR A 156 1.47 4.42 16.70
C THR A 156 0.96 4.09 15.32
N ALA A 157 1.45 3.02 14.69
CA ALA A 157 1.03 2.68 13.34
C ALA A 157 -0.38 2.10 13.36
N GLY A 158 -1.14 2.40 12.29
CA GLY A 158 -2.48 1.88 12.18
C GLY A 158 -2.55 0.37 12.29
N MET A 159 -1.59 -0.33 11.67
CA MET A 159 -1.67 -1.79 11.66
C MET A 159 -1.50 -2.37 13.06
N ALA A 160 -0.81 -1.65 13.95
CA ALA A 160 -0.71 -2.10 15.33
C ALA A 160 -2.07 -2.00 16.02
N PHE A 161 -2.86 -0.98 15.68
CA PHE A 161 -4.21 -0.89 16.23
C PHE A 161 -5.12 -1.95 15.64
N GLU A 162 -4.97 -2.23 14.34
CA GLU A 162 -5.72 -3.33 13.75
C GLU A 162 -5.44 -4.64 14.46
N ALA A 163 -4.17 -4.90 14.77
CA ALA A 163 -3.79 -6.13 15.45
C ALA A 163 -4.37 -6.17 16.86
N MET A 164 -4.24 -5.07 17.61
CA MET A 164 -4.75 -5.06 18.97
C MET A 164 -6.26 -5.21 18.99
N ASN A 165 -6.96 -4.61 18.02
CA ASN A 165 -8.40 -4.78 17.93
C ASN A 165 -8.76 -6.25 17.71
N HIS A 166 -8.08 -6.90 16.76
CA HIS A 166 -8.34 -8.31 16.50
C HIS A 166 -8.03 -9.16 17.74
N ALA A 167 -6.90 -8.90 18.38
CA ALA A 167 -6.55 -9.62 19.61
C ALA A 167 -7.66 -9.48 20.65
N GLY A 168 -8.22 -8.28 20.79
CA GLY A 168 -9.30 -8.06 21.74
C GLY A 168 -10.54 -8.87 21.45
N ASP A 169 -10.73 -9.27 20.19
CA ASP A 169 -11.92 -10.04 19.82
C ASP A 169 -11.71 -11.55 19.98
N ILE A 170 -10.69 -12.09 19.31
CA ILE A 170 -10.48 -13.54 19.37
C ILE A 170 -9.70 -13.96 20.60
N LYS A 171 -9.04 -13.03 21.28
CA LYS A 171 -8.47 -13.27 22.61
C LYS A 171 -7.39 -14.34 22.55
N PRO A 172 -6.29 -14.12 21.84
CA PRO A 172 -5.21 -15.09 21.83
C PRO A 172 -4.41 -15.03 23.12
N ASP A 173 -3.70 -16.13 23.39
CA ASP A 173 -2.77 -16.20 24.52
C ASP A 173 -1.46 -15.55 24.08
N LEU A 174 -1.41 -14.23 24.17
CA LEU A 174 -0.28 -13.45 23.69
C LEU A 174 0.06 -12.37 24.70
N LEU A 175 1.35 -12.23 25.00
CA LEU A 175 1.85 -11.14 25.82
C LEU A 175 2.47 -10.08 24.92
N VAL A 176 1.98 -8.86 25.03
CA VAL A 176 2.57 -7.70 24.35
C VAL A 176 3.35 -6.90 25.38
N VAL A 177 4.61 -6.63 25.06
CA VAL A 177 5.48 -5.83 25.92
C VAL A 177 5.73 -4.50 25.20
N LEU A 178 5.21 -3.42 25.78
CA LEU A 178 5.45 -2.07 25.25
C LEU A 178 6.69 -1.52 25.93
N ASN A 179 7.75 -1.29 25.15
CA ASN A 179 8.98 -0.68 25.66
C ASN A 179 8.86 0.83 25.45
N ASP A 180 8.47 1.53 26.51
CA ASP A 180 8.25 2.98 26.42
C ASP A 180 9.58 3.69 26.57
N ASN A 181 9.97 4.43 25.53
CA ASN A 181 11.21 5.21 25.55
C ASN A 181 12.42 4.30 25.81
N GLY A 204 -5.64 6.10 33.89
CA GLY A 204 -4.24 5.70 33.82
C GLY A 204 -3.75 5.58 32.39
N PRO A 205 -2.53 5.06 32.21
CA PRO A 205 -1.99 4.91 30.86
C PRO A 205 -2.52 3.70 30.12
N GLY A 206 -3.08 2.73 30.83
CA GLY A 206 -3.56 1.51 30.22
C GLY A 206 -5.04 1.46 29.92
N THR A 207 -5.79 2.50 30.28
CA THR A 207 -7.21 2.54 29.95
C THR A 207 -7.44 2.26 28.47
N LEU A 208 -6.58 2.80 27.61
CA LEU A 208 -6.70 2.56 26.17
C LEU A 208 -6.55 1.09 25.86
N PHE A 209 -5.50 0.46 26.38
CA PHE A 209 -5.24 -0.94 26.04
C PHE A 209 -6.28 -1.86 26.66
N GLU A 210 -6.84 -1.50 27.82
CA GLU A 210 -7.92 -2.29 28.39
C GLU A 210 -9.18 -2.21 27.54
N GLU A 211 -9.48 -1.01 27.01
CA GLU A 211 -10.63 -0.88 26.13
C GLU A 211 -10.45 -1.68 24.85
N LEU A 212 -9.21 -1.88 24.41
CA LEU A 212 -8.94 -2.69 23.23
C LEU A 212 -8.97 -4.19 23.52
N GLY A 213 -9.09 -4.59 24.78
CA GLY A 213 -9.26 -5.99 25.13
C GLY A 213 -8.11 -6.63 25.86
N PHE A 214 -7.11 -5.88 26.31
CA PHE A 214 -5.93 -6.43 26.95
C PHE A 214 -6.02 -6.29 28.46
N ASN A 215 -5.48 -7.28 29.16
CA ASN A 215 -5.19 -7.17 30.58
C ASN A 215 -3.91 -6.36 30.74
N TYR A 216 -4.02 -5.17 31.33
CA TYR A 216 -2.94 -4.21 31.36
C TYR A 216 -2.22 -4.24 32.70
N ILE A 217 -0.89 -4.24 32.65
CA ILE A 217 -0.04 -4.18 33.83
C ILE A 217 1.06 -3.17 33.58
N GLY A 218 1.28 -2.27 34.54
CA GLY A 218 2.34 -1.29 34.44
C GLY A 218 1.83 0.12 34.70
N PRO A 219 2.69 1.12 34.48
CA PRO A 219 4.08 0.97 34.03
C PRO A 219 5.01 0.39 35.10
N VAL A 220 6.04 -0.34 34.68
CA VAL A 220 7.01 -0.93 35.59
C VAL A 220 8.41 -0.51 35.18
N ASP A 221 9.36 -0.74 36.08
CA ASP A 221 10.76 -0.40 35.82
C ASP A 221 11.32 -1.35 34.77
N GLY A 222 11.57 -0.83 33.58
CA GLY A 222 12.14 -1.63 32.51
C GLY A 222 13.59 -2.01 32.70
N HIS A 223 14.24 -1.54 33.76
CA HIS A 223 15.63 -1.86 34.05
C HIS A 223 15.81 -2.63 35.35
N ASP A 224 14.73 -3.17 35.91
CA ASP A 224 14.79 -4.02 37.09
C ASP A 224 14.60 -5.46 36.60
N VAL A 225 15.71 -6.12 36.30
CA VAL A 225 15.64 -7.45 35.69
C VAL A 225 14.88 -8.41 36.60
N LEU A 226 15.09 -8.30 37.92
CA LEU A 226 14.42 -9.21 38.84
C LEU A 226 12.94 -8.90 38.98
N GLY A 227 12.57 -7.62 38.90
CA GLY A 227 11.16 -7.27 38.85
C GLY A 227 10.49 -7.72 37.57
N LEU A 228 11.22 -7.70 36.46
CA LEU A 228 10.66 -8.16 35.19
C LEU A 228 10.50 -9.68 35.18
N VAL A 229 11.50 -10.41 35.68
CA VAL A 229 11.39 -11.87 35.75
C VAL A 229 10.14 -12.27 36.53
N SER A 230 9.94 -11.63 37.69
CA SER A 230 8.76 -11.96 38.50
C SER A 230 7.48 -11.62 37.77
N THR A 231 7.38 -10.40 37.24
CA THR A 231 6.18 -10.00 36.51
C THR A 231 5.95 -10.90 35.30
N LEU A 232 7.01 -11.16 34.53
CA LEU A 232 6.85 -11.95 33.31
C LEU A 232 6.49 -13.39 33.62
N LYS A 233 7.07 -13.96 34.68
CA LYS A 233 6.70 -15.32 35.06
C LYS A 233 5.20 -15.41 35.36
N ASN A 234 4.66 -14.37 36.00
CA ASN A 234 3.23 -14.35 36.30
C ASN A 234 2.41 -14.22 35.02
N MET A 235 2.66 -13.16 34.24
CA MET A 235 1.85 -12.90 33.06
C MET A 235 2.00 -13.98 31.99
N ARG A 236 3.11 -14.73 32.00
CA ARG A 236 3.28 -15.79 31.01
C ARG A 236 2.23 -16.89 31.18
N ASP A 237 1.80 -17.16 32.41
CA ASP A 237 0.84 -18.23 32.67
C ASP A 237 -0.61 -17.78 32.52
N LEU A 238 -0.86 -16.48 32.43
CA LEU A 238 -2.24 -15.99 32.34
C LEU A 238 -2.82 -16.27 30.96
N LYS A 239 -4.14 -16.41 30.91
CA LYS A 239 -4.87 -16.66 29.68
C LYS A 239 -5.23 -15.34 29.00
N GLY A 240 -5.26 -15.36 27.67
CA GLY A 240 -5.78 -14.27 26.90
C GLY A 240 -4.75 -13.20 26.62
N PRO A 241 -5.18 -12.13 25.94
CA PRO A 241 -4.25 -11.06 25.56
C PRO A 241 -3.76 -10.29 26.79
N GLN A 242 -2.44 -10.29 26.97
CA GLN A 242 -1.80 -9.61 28.09
C GLN A 242 -0.93 -8.47 27.56
N PHE A 243 -0.84 -7.40 28.36
CA PHE A 243 -0.11 -6.20 27.95
C PHE A 243 0.73 -5.73 29.12
N LEU A 244 2.05 -5.74 28.95
CA LEU A 244 2.98 -5.25 29.95
C LEU A 244 3.63 -3.96 29.46
N HIS A 245 3.52 -2.91 30.27
CA HIS A 245 4.06 -1.59 29.94
C HIS A 245 5.30 -1.35 30.80
N ILE A 246 6.46 -1.22 30.15
CA ILE A 246 7.72 -1.00 30.84
C ILE A 246 8.26 0.37 30.45
N MET A 247 9.14 0.90 31.29
CA MET A 247 9.80 2.17 31.07
C MET A 247 11.30 1.94 31.00
N THR A 248 11.92 2.41 29.93
CA THR A 248 13.36 2.28 29.73
C THR A 248 13.94 3.62 29.28
N LYS A 249 15.27 3.69 29.30
CA LYS A 249 15.98 4.91 28.92
C LYS A 249 16.88 4.66 27.72
N GLY A 283 30.44 17.15 -4.91
CA GLY A 283 29.41 17.68 -4.04
C GLY A 283 29.62 17.34 -2.58
N LEU A 284 28.82 17.96 -1.71
CA LEU A 284 28.94 17.75 -0.27
C LEU A 284 27.57 17.66 0.41
N PRO A 285 26.64 18.57 0.13
CA PRO A 285 25.37 18.52 0.86
C PRO A 285 24.52 17.35 0.44
N SER A 286 23.89 16.71 1.43
CA SER A 286 22.99 15.61 1.13
C SER A 286 21.74 16.13 0.41
N TYR A 287 21.10 15.23 -0.33
CA TYR A 287 19.82 15.56 -0.94
C TYR A 287 18.79 15.91 0.13
N SER A 288 18.85 15.24 1.29
CA SER A 288 17.97 15.60 2.39
C SER A 288 18.16 17.05 2.79
N LYS A 289 19.42 17.49 2.89
CA LYS A 289 19.70 18.90 3.18
C LYS A 289 19.18 19.80 2.08
N ILE A 290 19.40 19.42 0.82
CA ILE A 290 18.89 20.20 -0.30
C ILE A 290 17.38 20.38 -0.18
N PHE A 291 16.67 19.29 0.09
CA PHE A 291 15.23 19.36 0.25
C PHE A 291 14.84 20.24 1.44
N GLY A 292 15.51 20.06 2.58
CA GLY A 292 15.20 20.85 3.74
C GLY A 292 15.40 22.34 3.49
N ASP A 293 16.52 22.69 2.87
CA ASP A 293 16.77 24.10 2.54
C ASP A 293 15.69 24.64 1.62
N TRP A 294 15.30 23.86 0.60
CA TRP A 294 14.24 24.31 -0.29
C TRP A 294 12.93 24.51 0.45
N LEU A 295 12.63 23.62 1.40
CA LEU A 295 11.43 23.77 2.21
C LEU A 295 11.40 25.12 2.91
N CYS A 296 12.44 25.42 3.69
CA CYS A 296 12.49 26.69 4.41
C CYS A 296 12.45 27.86 3.44
N GLU A 297 13.20 27.78 2.35
CA GLU A 297 13.22 28.85 1.36
C GLU A 297 11.82 29.12 0.80
N THR A 298 11.08 28.06 0.49
CA THR A 298 9.75 28.22 -0.09
C THR A 298 8.75 28.70 0.97
N ALA A 299 8.79 28.10 2.16
CA ALA A 299 7.88 28.52 3.22
C ALA A 299 8.16 29.95 3.66
N ALA A 300 9.41 30.41 3.49
CA ALA A 300 9.75 31.77 3.90
C ALA A 300 8.91 32.81 3.19
N LYS A 301 8.52 32.56 1.93
CA LYS A 301 7.75 33.52 1.15
C LYS A 301 6.44 32.95 0.62
N ASP A 302 5.96 31.84 1.19
CA ASP A 302 4.65 31.30 0.81
C ASP A 302 4.02 30.69 2.05
N ASN A 303 3.00 31.35 2.60
CA ASN A 303 2.34 30.87 3.80
C ASN A 303 1.42 29.68 3.55
N LYS A 304 1.28 29.24 2.31
CA LYS A 304 0.44 28.09 1.99
C LYS A 304 1.15 26.76 2.16
N LEU A 305 2.47 26.74 2.23
CA LEU A 305 3.22 25.50 2.30
C LEU A 305 3.01 24.83 3.65
N MET A 306 2.71 23.53 3.63
CA MET A 306 2.59 22.71 4.82
C MET A 306 3.45 21.47 4.63
N ALA A 307 4.27 21.14 5.63
CA ALA A 307 5.20 20.02 5.55
C ALA A 307 4.73 18.90 6.47
N ILE A 308 4.71 17.68 5.94
CA ILE A 308 4.20 16.52 6.66
C ILE A 308 5.25 15.42 6.59
N THR A 309 5.53 14.81 7.75
CA THR A 309 6.43 13.66 7.81
C THR A 309 5.86 12.63 8.77
N PRO A 310 5.86 11.35 8.40
CA PRO A 310 5.49 10.31 9.37
C PRO A 310 6.67 9.92 10.25
N ALA A 311 6.82 10.60 11.39
CA ALA A 311 7.95 10.43 12.29
C ALA A 311 9.21 11.06 11.70
N MET A 312 9.89 11.90 12.47
CA MET A 312 11.07 12.61 11.98
C MET A 312 12.30 11.78 12.32
N ARG A 313 12.70 10.93 11.38
CA ARG A 313 13.95 10.20 11.49
C ARG A 313 15.15 11.11 11.27
N GLU A 314 14.92 12.37 10.93
CA GLU A 314 15.98 13.35 10.79
C GLU A 314 16.71 13.15 9.46
N GLY A 315 16.63 11.92 8.93
CA GLY A 315 17.16 11.66 7.60
C GLY A 315 16.53 12.49 6.51
N SER A 316 15.30 12.95 6.71
CA SER A 316 14.59 13.78 5.74
C SER A 316 15.05 15.23 5.75
N GLY A 317 15.91 15.63 6.68
CA GLY A 317 16.46 16.97 6.68
C GLY A 317 15.49 18.08 7.03
N MET A 318 14.58 17.84 7.98
CA MET A 318 13.52 18.78 8.32
C MET A 318 13.67 19.37 9.71
N VAL A 319 14.81 19.16 10.37
CA VAL A 319 14.99 19.70 11.72
C VAL A 319 14.90 21.21 11.70
N GLU A 320 15.64 21.85 10.79
CA GLU A 320 15.61 23.31 10.71
C GLU A 320 14.22 23.82 10.39
N PHE A 321 13.53 23.17 9.46
CA PHE A 321 12.16 23.60 9.13
C PHE A 321 11.25 23.50 10.34
N SER A 322 11.34 22.39 11.09
CA SER A 322 10.47 22.20 12.24
C SER A 322 10.64 23.32 13.26
N LYS A 323 11.83 23.92 13.34
CA LYS A 323 12.09 24.98 14.30
C LYS A 323 11.78 26.36 13.75
N LYS A 324 11.91 26.55 12.43
CA LYS A 324 11.62 27.86 11.83
C LYS A 324 10.15 28.05 11.52
N PHE A 325 9.41 26.98 11.24
CA PHE A 325 8.00 27.06 10.87
C PHE A 325 7.21 25.99 11.63
N PRO A 326 7.22 26.05 12.96
CA PRO A 326 6.57 24.99 13.74
C PRO A 326 5.07 24.88 13.49
N ASP A 327 4.38 26.00 13.24
CA ASP A 327 2.95 25.95 13.01
C ASP A 327 2.59 25.34 11.66
N ARG A 328 3.58 25.08 10.80
CA ARG A 328 3.33 24.48 9.48
C ARG A 328 4.13 23.20 9.29
N TYR A 329 4.55 22.57 10.38
CA TYR A 329 5.25 21.29 10.36
C TYR A 329 4.40 20.27 11.09
N PHE A 330 4.15 19.13 10.47
CA PHE A 330 3.24 18.11 11.00
C PHE A 330 3.94 16.75 11.02
N ASP A 331 4.38 16.35 12.21
CA ASP A 331 4.86 15.00 12.45
C ASP A 331 3.68 14.15 12.92
N VAL A 332 3.22 13.24 12.06
CA VAL A 332 2.02 12.46 12.33
C VAL A 332 2.37 11.09 12.92
N ALA A 333 3.56 10.94 13.51
CA ALA A 333 4.03 9.66 14.02
C ALA A 333 4.18 8.67 12.87
N ILE A 334 4.41 7.40 13.19
CA ILE A 334 4.67 6.39 12.16
C ILE A 334 3.34 6.03 11.51
N ALA A 335 2.78 6.97 10.74
CA ALA A 335 1.44 6.84 10.18
C ALA A 335 1.48 7.34 8.73
N GLU A 336 2.08 6.53 7.86
CA GLU A 336 2.22 6.93 6.46
C GLU A 336 0.86 7.14 5.80
N GLN A 337 -0.11 6.27 6.10
CA GLN A 337 -1.41 6.37 5.46
C GLN A 337 -2.08 7.69 5.81
N HIS A 338 -2.11 8.04 7.10
CA HIS A 338 -2.69 9.31 7.51
C HIS A 338 -1.91 10.49 6.96
N ALA A 339 -0.58 10.36 6.87
CA ALA A 339 0.24 11.45 6.35
C ALA A 339 -0.21 11.86 4.96
N VAL A 340 -0.50 10.89 4.10
CA VAL A 340 -0.85 11.19 2.72
C VAL A 340 -2.25 11.78 2.63
N THR A 341 -3.22 11.17 3.32
CA THR A 341 -4.60 11.64 3.21
C THR A 341 -4.83 12.91 4.00
N PHE A 342 -4.08 13.11 5.09
CA PHE A 342 -4.07 14.41 5.75
C PHE A 342 -3.61 15.49 4.78
N ALA A 343 -2.57 15.20 4.00
CA ALA A 343 -2.13 16.14 2.97
C ALA A 343 -3.25 16.40 1.95
N ALA A 344 -3.97 15.34 1.56
CA ALA A 344 -5.09 15.54 0.65
C ALA A 344 -6.10 16.52 1.21
N GLY A 345 -6.40 16.43 2.51
CA GLY A 345 -7.33 17.36 3.12
C GLY A 345 -6.82 18.78 3.09
N LEU A 346 -5.53 18.97 3.32
CA LEU A 346 -4.96 20.31 3.25
C LEU A 346 -5.06 20.88 1.84
N ALA A 347 -4.82 20.04 0.83
CA ALA A 347 -4.96 20.50 -0.54
C ALA A 347 -6.41 20.86 -0.85
N ILE A 348 -7.36 20.06 -0.36
CA ILE A 348 -8.77 20.40 -0.52
C ILE A 348 -9.05 21.75 0.12
N GLY A 349 -8.36 22.06 1.22
CA GLY A 349 -8.46 23.35 1.88
C GLY A 349 -7.67 24.45 1.23
N ASP A 350 -7.18 24.24 0.01
CA ASP A 350 -6.44 25.25 -0.75
C ASP A 350 -5.13 25.63 -0.07
N TYR A 351 -4.50 24.67 0.60
CA TYR A 351 -3.11 24.80 1.03
C TYR A 351 -2.25 23.89 0.18
N LYS A 352 -0.93 24.01 0.36
CA LYS A 352 0.04 23.33 -0.52
C LYS A 352 0.87 22.38 0.32
N PRO A 353 0.43 21.13 0.49
CA PRO A 353 1.14 20.20 1.35
C PRO A 353 2.30 19.52 0.66
N VAL A 354 3.33 19.22 1.45
CA VAL A 354 4.50 18.48 0.99
C VAL A 354 4.69 17.30 1.94
N VAL A 355 4.64 16.09 1.40
CA VAL A 355 4.81 14.87 2.18
C VAL A 355 6.24 14.39 1.98
N ALA A 356 7.05 14.48 3.03
CA ALA A 356 8.39 13.92 3.04
C ALA A 356 8.33 12.49 3.55
N ILE A 357 8.69 11.53 2.71
CA ILE A 357 8.51 10.12 3.03
C ILE A 357 9.56 9.31 2.28
N TYR A 358 10.05 8.25 2.92
CA TYR A 358 11.00 7.36 2.27
C TYR A 358 10.30 6.50 1.22
N SER A 359 11.07 6.11 0.19
CA SER A 359 10.52 5.25 -0.85
C SER A 359 9.95 3.97 -0.27
N THR A 360 10.70 3.29 0.58
CA THR A 360 10.25 2.01 1.11
C THR A 360 9.00 2.18 1.98
N PHE A 361 8.95 3.25 2.77
CA PHE A 361 7.80 3.48 3.64
C PHE A 361 6.60 4.04 2.87
N LEU A 362 6.82 4.65 1.71
CA LEU A 362 5.71 5.05 0.86
C LEU A 362 4.88 3.85 0.43
N GLN A 363 5.47 2.66 0.43
CA GLN A 363 4.72 1.44 0.13
C GLN A 363 3.52 1.28 1.06
N ARG A 364 3.61 1.80 2.28
CA ARG A 364 2.53 1.69 3.24
C ARG A 364 1.35 2.60 2.91
N ALA A 365 1.56 3.65 2.13
CA ALA A 365 0.53 4.63 1.81
C ALA A 365 0.03 4.49 0.38
N TYR A 366 0.26 3.34 -0.25
CA TYR A 366 -0.03 3.18 -1.67
C TYR A 366 -1.51 3.44 -1.97
N ASP A 367 -2.41 2.88 -1.17
CA ASP A 367 -3.83 3.03 -1.44
C ASP A 367 -4.29 4.48 -1.27
N GLN A 368 -3.66 5.22 -0.36
CA GLN A 368 -4.02 6.61 -0.17
C GLN A 368 -3.52 7.47 -1.34
N VAL A 369 -2.33 7.17 -1.85
CA VAL A 369 -1.84 7.85 -3.04
C VAL A 369 -2.81 7.67 -4.19
N ILE A 370 -3.29 6.44 -4.38
CA ILE A 370 -4.13 6.13 -5.54
C ILE A 370 -5.51 6.79 -5.39
N HIS A 371 -6.21 6.48 -4.31
CA HIS A 371 -7.64 6.79 -4.22
C HIS A 371 -7.96 8.05 -3.41
N ASP A 372 -7.02 8.54 -2.59
CA ASP A 372 -7.23 9.80 -1.88
C ASP A 372 -6.57 10.99 -2.56
N VAL A 373 -5.65 10.75 -3.50
CA VAL A 373 -4.89 11.84 -4.11
C VAL A 373 -5.03 11.78 -5.63
N ALA A 374 -4.56 10.69 -6.24
CA ALA A 374 -4.52 10.61 -7.70
C ALA A 374 -5.91 10.69 -8.30
N ILE A 375 -6.85 9.90 -7.77
CA ILE A 375 -8.22 9.91 -8.29
C ILE A 375 -8.81 11.31 -8.20
N GLN A 376 -8.49 12.04 -7.13
CA GLN A 376 -9.03 13.38 -6.93
C GLN A 376 -8.22 14.46 -7.64
N LYS A 377 -7.07 14.10 -8.22
CA LYS A 377 -6.20 15.07 -8.89
C LYS A 377 -5.78 16.17 -7.93
N LEU A 378 -5.55 15.80 -6.67
CA LEU A 378 -5.17 16.79 -5.67
C LEU A 378 -3.66 17.07 -5.77
N PRO A 379 -3.25 18.35 -5.83
CA PRO A 379 -1.82 18.64 -6.05
C PRO A 379 -0.98 18.52 -4.79
N VAL A 380 -0.74 17.27 -4.37
CA VAL A 380 0.17 16.97 -3.28
C VAL A 380 1.56 16.73 -3.86
N LEU A 381 2.57 17.31 -3.22
CA LEU A 381 3.97 17.10 -3.60
C LEU A 381 4.57 16.05 -2.69
N PHE A 382 5.08 14.97 -3.30
CA PHE A 382 5.74 13.89 -2.56
C PHE A 382 7.25 14.04 -2.74
N ALA A 383 7.95 14.28 -1.63
CA ALA A 383 9.41 14.34 -1.60
C ALA A 383 9.90 12.99 -1.08
N ILE A 384 10.38 12.15 -1.99
CA ILE A 384 10.65 10.74 -1.70
C ILE A 384 12.15 10.59 -1.48
N ASP A 385 12.54 10.46 -0.22
CA ASP A 385 13.93 10.27 0.17
C ASP A 385 14.26 8.77 0.17
N ARG A 386 15.55 8.47 0.32
CA ARG A 386 16.03 7.08 0.37
C ARG A 386 15.56 6.30 -0.85
N ALA A 387 15.46 6.96 -1.99
CA ALA A 387 15.11 6.29 -3.23
C ALA A 387 16.32 5.58 -3.81
N GLY A 388 16.07 4.43 -4.43
CA GLY A 388 17.16 3.67 -5.01
C GLY A 388 17.97 2.95 -3.95
N ILE A 389 19.29 2.94 -4.15
CA ILE A 389 20.19 2.21 -3.26
C ILE A 389 20.46 3.04 -2.03
N VAL A 390 20.01 2.55 -0.87
CA VAL A 390 20.15 3.29 0.38
C VAL A 390 21.52 3.07 1.00
N GLY A 391 22.04 1.85 0.90
CA GLY A 391 23.28 1.52 1.59
C GLY A 391 22.99 0.98 2.97
N ALA A 392 23.73 1.46 3.97
CA ALA A 392 23.57 1.04 5.36
C ALA A 392 23.08 2.24 6.17
N ASP A 393 21.78 2.47 6.15
CA ASP A 393 21.14 3.55 6.90
C ASP A 393 20.25 2.95 7.98
N GLY A 394 20.88 2.39 8.99
CA GLY A 394 20.14 1.75 10.06
C GLY A 394 19.35 0.57 9.54
N GLN A 395 18.02 0.64 9.65
CA GLN A 395 17.16 -0.43 9.19
C GLN A 395 16.23 0.07 8.09
N THR A 396 16.80 0.74 7.08
CA THR A 396 16.03 1.24 5.95
C THR A 396 16.22 0.32 4.75
N HIS A 397 15.12 -0.25 4.26
CA HIS A 397 15.18 -1.07 3.07
C HIS A 397 15.41 -0.20 1.83
N GLN A 398 15.83 -0.84 0.76
CA GLN A 398 16.14 -0.14 -0.47
C GLN A 398 14.87 0.48 -1.06
N GLY A 399 15.01 1.67 -1.64
CA GLY A 399 13.93 2.28 -2.37
C GLY A 399 13.85 1.75 -3.79
N ALA A 400 13.48 0.47 -3.92
CA ALA A 400 13.69 -0.27 -5.15
C ALA A 400 12.51 -0.23 -6.12
N PHE A 401 11.33 0.23 -5.69
CA PHE A 401 10.12 -0.03 -6.45
C PHE A 401 9.24 1.18 -6.76
N ASP A 402 9.58 2.38 -6.27
CA ASP A 402 8.63 3.49 -6.40
C ASP A 402 8.43 3.92 -7.84
N LEU A 403 9.46 3.86 -8.69
CA LEU A 403 9.23 4.16 -10.09
C LEU A 403 8.32 3.14 -10.76
N SER A 404 8.20 1.95 -10.16
CA SER A 404 7.32 0.94 -10.72
C SER A 404 5.88 1.13 -10.24
N PHE A 405 5.67 1.18 -8.93
CA PHE A 405 4.30 1.18 -8.44
C PHE A 405 3.65 2.55 -8.56
N LEU A 406 4.42 3.62 -8.75
CA LEU A 406 3.81 4.93 -8.96
C LEU A 406 3.38 5.12 -10.41
N ARG A 407 4.16 4.63 -11.36
CA ARG A 407 3.92 5.00 -12.76
C ARG A 407 2.76 4.26 -13.39
N CYS A 408 2.24 3.21 -12.77
CA CYS A 408 1.01 2.59 -13.27
C CYS A 408 -0.23 3.34 -12.80
N ILE A 409 -0.08 4.37 -11.97
CA ILE A 409 -1.21 5.13 -11.44
C ILE A 409 -1.54 6.28 -12.39
N PRO A 410 -2.77 6.42 -12.87
CA PRO A 410 -3.11 7.57 -13.71
C PRO A 410 -2.95 8.88 -12.95
N ASP A 411 -2.60 9.93 -13.69
CA ASP A 411 -2.54 11.30 -13.18
C ASP A 411 -1.48 11.48 -12.11
N MET A 412 -0.40 10.70 -12.18
CA MET A 412 0.75 10.83 -11.28
C MET A 412 1.94 11.31 -12.08
N VAL A 413 2.53 12.43 -11.67
CA VAL A 413 3.78 12.92 -12.23
C VAL A 413 4.92 12.38 -11.39
N VAL A 414 5.93 11.82 -12.05
CA VAL A 414 7.07 11.20 -11.37
C VAL A 414 8.35 11.77 -11.98
N MET A 415 9.17 12.42 -11.14
CA MET A 415 10.40 13.07 -11.57
C MET A 415 11.59 12.44 -10.86
N THR A 416 12.72 12.34 -11.58
CA THR A 416 13.94 11.71 -11.07
C THR A 416 15.12 12.64 -11.32
N PRO A 417 15.46 13.49 -10.35
CA PRO A 417 16.58 14.42 -10.56
C PRO A 417 17.91 13.70 -10.65
N SER A 418 18.81 14.27 -11.44
CA SER A 418 20.16 13.73 -11.64
C SER A 418 21.21 14.41 -10.78
N ASP A 419 20.94 15.62 -10.26
CA ASP A 419 21.85 16.29 -9.34
C ASP A 419 21.01 17.16 -8.42
N GLU A 420 21.70 17.87 -7.50
CA GLU A 420 20.98 18.66 -6.50
C GLU A 420 20.30 19.89 -7.11
N ASN A 421 20.82 20.40 -8.22
CA ASN A 421 20.13 21.51 -8.89
C ASN A 421 18.83 21.03 -9.52
N GLU A 422 18.88 19.94 -10.28
CA GLU A 422 17.68 19.36 -10.85
C GLU A 422 16.66 19.02 -9.76
N CYS A 423 17.13 18.61 -8.58
CA CYS A 423 16.22 18.29 -7.49
C CYS A 423 15.44 19.53 -7.05
N ARG A 424 16.13 20.67 -6.92
CA ARG A 424 15.45 21.90 -6.55
C ARG A 424 14.47 22.34 -7.63
N GLN A 425 14.89 22.27 -8.90
CA GLN A 425 14.00 22.64 -10.00
C GLN A 425 12.75 21.76 -9.99
N MET A 426 12.90 20.46 -9.71
CA MET A 426 11.76 19.56 -9.76
C MET A 426 10.85 19.74 -8.56
N LEU A 427 11.42 19.99 -7.38
CA LEU A 427 10.61 20.34 -6.23
C LEU A 427 9.79 21.60 -6.52
N TYR A 428 10.44 22.63 -7.04
CA TYR A 428 9.74 23.85 -7.44
C TYR A 428 8.65 23.54 -8.46
N THR A 429 8.99 22.77 -9.51
CA THR A 429 8.03 22.44 -10.54
C THR A 429 6.82 21.72 -9.95
N GLY A 430 7.05 20.70 -9.12
CA GLY A 430 5.94 19.96 -8.53
C GLY A 430 5.13 20.80 -7.57
N TYR A 431 5.79 21.70 -6.83
CA TYR A 431 5.08 22.53 -5.86
C TYR A 431 4.09 23.47 -6.55
N HIS A 432 4.45 23.98 -7.72
CA HIS A 432 3.59 24.91 -8.46
C HIS A 432 2.73 24.21 -9.51
N TYR A 433 2.86 22.90 -9.65
CA TYR A 433 1.99 22.14 -10.54
C TYR A 433 0.66 21.89 -9.85
N SER A 434 -0.44 22.31 -10.47
CA SER A 434 -1.73 22.31 -9.82
C SER A 434 -2.73 21.33 -10.41
N ASP A 435 -2.36 20.58 -11.46
CA ASP A 435 -3.30 19.68 -12.10
C ASP A 435 -3.34 18.29 -11.46
N GLY A 436 -2.44 18.00 -10.54
CA GLY A 436 -2.41 16.70 -9.90
C GLY A 436 -1.17 16.51 -9.05
N PRO A 437 -1.05 15.33 -8.43
CA PRO A 437 0.09 15.08 -7.55
C PRO A 437 1.39 14.94 -8.33
N CYS A 438 2.50 15.27 -7.66
CA CYS A 438 3.83 15.15 -8.22
C CYS A 438 4.74 14.46 -7.23
N ALA A 439 5.64 13.62 -7.73
CA ALA A 439 6.62 12.91 -6.92
C ALA A 439 8.02 13.26 -7.39
N VAL A 440 8.90 13.55 -6.44
CA VAL A 440 10.32 13.81 -6.69
C VAL A 440 11.09 12.85 -5.79
N ARG A 441 11.79 11.90 -6.39
CA ARG A 441 12.51 10.86 -5.65
C ARG A 441 14.00 11.06 -5.81
N TYR A 442 14.72 10.97 -4.70
CA TYR A 442 16.16 11.21 -4.67
C TYR A 442 16.79 10.29 -3.65
N PRO A 443 18.07 9.97 -3.80
CA PRO A 443 18.72 8.99 -2.93
C PRO A 443 19.26 9.61 -1.65
N ARG A 444 19.54 8.73 -0.68
CA ARG A 444 20.36 9.09 0.46
C ARG A 444 21.77 9.41 0.00
N GLY A 445 22.39 10.39 0.65
CA GLY A 445 23.75 10.77 0.35
C GLY A 445 23.83 12.09 -0.40
N SER A 446 25.05 12.44 -0.78
CA SER A 446 25.34 13.72 -1.39
C SER A 446 25.18 13.65 -2.91
N GLY A 447 25.12 14.83 -3.52
CA GLY A 447 24.99 14.97 -4.96
C GLY A 447 26.33 15.13 -5.63
N THR A 448 26.35 15.96 -6.68
CA THR A 448 27.54 16.13 -7.51
C THR A 448 28.26 17.45 -7.26
N GLY A 449 27.70 18.34 -6.43
CA GLY A 449 28.21 19.68 -6.34
C GLY A 449 27.72 20.60 -7.43
N ALA A 450 26.62 20.25 -8.08
CA ALA A 450 26.10 21.04 -9.18
C ALA A 450 25.79 22.47 -8.73
N THR A 451 25.98 23.41 -9.65
CA THR A 451 25.62 24.79 -9.39
C THR A 451 24.12 24.93 -9.25
N LEU A 452 23.67 25.54 -8.15
CA LEU A 452 22.25 25.74 -7.91
C LEU A 452 21.78 26.96 -8.70
N GLU A 453 21.03 26.73 -9.77
CA GLU A 453 20.59 27.78 -10.66
C GLU A 453 19.28 28.39 -10.17
N PRO A 454 18.92 29.58 -10.64
CA PRO A 454 17.62 30.14 -10.30
C PRO A 454 16.50 29.17 -10.65
N LEU A 455 15.44 29.21 -9.84
CA LEU A 455 14.36 28.25 -9.96
C LEU A 455 13.38 28.66 -11.06
N ALA A 456 12.90 27.67 -11.80
CA ALA A 456 11.90 27.89 -12.83
C ALA A 456 11.26 26.56 -13.17
N SER A 457 9.97 26.58 -13.48
CA SER A 457 9.24 25.35 -13.74
C SER A 457 9.80 24.65 -14.98
N LEU A 458 10.11 23.37 -14.83
CA LEU A 458 10.59 22.57 -15.95
C LEU A 458 9.43 22.18 -16.85
N PRO A 459 9.63 22.16 -18.17
CA PRO A 459 8.56 21.67 -19.06
C PRO A 459 8.19 20.23 -18.72
N ILE A 460 6.89 20.01 -18.52
CA ILE A 460 6.41 18.72 -18.03
C ILE A 460 6.64 17.65 -19.10
N GLY A 461 7.23 16.53 -18.69
CA GLY A 461 7.39 15.40 -19.59
C GLY A 461 8.39 15.60 -20.71
N LYS A 462 9.43 16.39 -20.47
CA LYS A 462 10.46 16.63 -21.48
C LYS A 462 11.83 16.32 -20.89
N GLY A 463 12.62 15.54 -21.64
CA GLY A 463 13.99 15.26 -21.25
C GLY A 463 14.95 16.25 -21.87
N VAL A 464 16.22 16.11 -21.48
CA VAL A 464 17.29 16.99 -21.94
C VAL A 464 18.38 16.15 -22.58
N VAL A 465 18.73 16.49 -23.82
CA VAL A 465 19.84 15.84 -24.51
C VAL A 465 21.12 16.44 -23.97
N LYS A 466 21.92 15.62 -23.27
CA LYS A 466 23.19 16.08 -22.73
C LYS A 466 24.35 15.90 -23.71
N ARG A 467 24.26 14.91 -24.58
CA ARG A 467 25.36 14.59 -25.50
C ARG A 467 24.78 13.85 -26.69
N GLN A 468 25.07 14.34 -27.89
CA GLN A 468 24.66 13.65 -29.11
C GLN A 468 25.78 12.73 -29.58
N GLY A 469 25.44 11.48 -29.88
CA GLY A 469 26.38 10.48 -30.32
C GLY A 469 25.87 9.77 -31.56
N GLU A 470 26.37 8.54 -31.74
CA GLU A 470 26.01 7.73 -32.91
C GLU A 470 25.65 6.31 -32.48
N LYS A 471 24.67 5.73 -33.17
CA LYS A 471 24.39 4.30 -33.10
C LYS A 471 23.59 3.89 -31.87
N ILE A 472 23.96 4.37 -30.68
CA ILE A 472 23.24 4.01 -29.46
C ILE A 472 23.00 5.25 -28.60
N ALA A 473 21.88 5.23 -27.88
CA ALA A 473 21.47 6.33 -27.04
C ALA A 473 21.15 5.81 -25.64
N ILE A 474 21.64 6.51 -24.63
CA ILE A 474 21.46 6.15 -23.22
C ILE A 474 20.43 7.09 -22.62
N LEU A 475 19.34 6.54 -22.09
CA LEU A 475 18.25 7.30 -21.50
C LEU A 475 18.32 7.13 -19.98
N ASN A 476 18.78 8.16 -19.29
CA ASN A 476 19.02 8.09 -17.86
C ASN A 476 17.84 8.66 -17.07
N PHE A 477 17.46 7.95 -16.02
CA PHE A 477 16.45 8.40 -15.06
C PHE A 477 17.11 8.46 -13.69
N GLY A 478 17.56 9.64 -13.28
CA GLY A 478 18.05 9.81 -11.91
C GLY A 478 19.54 10.05 -11.77
N THR A 479 20.09 9.65 -10.64
CA THR A 479 21.41 10.10 -10.19
C THR A 479 22.57 9.28 -10.74
N LEU A 480 22.32 8.29 -11.60
CA LEU A 480 23.41 7.58 -12.25
C LEU A 480 23.93 8.31 -13.49
N LEU A 481 23.50 9.55 -13.71
CA LEU A 481 23.92 10.27 -14.90
C LEU A 481 25.45 10.40 -15.02
N PRO A 482 26.20 10.69 -13.96
CA PRO A 482 27.66 10.76 -14.11
C PRO A 482 28.26 9.46 -14.61
N GLU A 483 27.77 8.31 -14.12
CA GLU A 483 28.23 7.03 -14.64
C GLU A 483 27.93 6.92 -16.13
N ALA A 484 26.70 7.26 -16.52
CA ALA A 484 26.31 7.20 -17.92
C ALA A 484 27.13 8.16 -18.78
N ALA A 485 27.47 9.33 -18.23
CA ALA A 485 28.27 10.28 -18.99
C ALA A 485 29.64 9.72 -19.34
N ALA A 486 30.26 9.01 -18.39
CA ALA A 486 31.55 8.39 -18.66
C ALA A 486 31.42 7.34 -19.75
N VAL A 487 30.37 6.51 -19.68
CA VAL A 487 30.13 5.50 -20.71
C VAL A 487 29.87 6.14 -22.05
N ALA A 488 29.09 7.23 -22.07
CA ALA A 488 28.72 7.86 -23.33
C ALA A 488 29.94 8.39 -24.06
N ASP A 489 30.90 8.95 -23.33
CA ASP A 489 32.14 9.40 -23.96
C ASP A 489 33.00 8.21 -24.40
N LYS A 490 32.97 7.12 -23.64
CA LYS A 490 33.74 5.94 -24.00
C LYS A 490 33.22 5.32 -25.29
N LEU A 491 31.89 5.16 -25.40
CA LEU A 491 31.27 4.53 -26.55
C LEU A 491 30.83 5.53 -27.61
N ASN A 492 31.07 6.82 -27.40
CA ASN A 492 30.55 7.88 -28.27
C ASN A 492 29.06 7.70 -28.49
N ALA A 493 28.32 7.54 -27.39
CA ALA A 493 26.88 7.35 -27.44
C ALA A 493 26.15 8.65 -27.17
N THR A 494 24.89 8.68 -27.57
CA THR A 494 23.99 9.76 -27.18
C THR A 494 23.56 9.57 -25.74
N LEU A 495 23.43 10.67 -25.01
CA LEU A 495 23.04 10.64 -23.60
C LEU A 495 21.92 11.63 -23.37
N VAL A 496 20.85 11.16 -22.74
CA VAL A 496 19.67 11.97 -22.45
C VAL A 496 19.36 11.88 -20.97
N ASP A 497 19.14 13.03 -20.34
CA ASP A 497 18.63 13.07 -18.97
C ASP A 497 17.11 13.20 -19.07
N MET A 498 16.41 12.08 -18.85
CA MET A 498 14.99 12.01 -19.17
C MET A 498 14.15 12.86 -18.23
N ARG A 499 14.61 13.08 -17.00
CA ARG A 499 13.92 13.92 -16.03
C ARG A 499 12.60 13.33 -15.55
N PHE A 500 11.70 12.99 -16.46
CA PHE A 500 10.35 12.56 -16.11
C PHE A 500 10.17 11.07 -16.40
N VAL A 501 9.85 10.30 -15.36
CA VAL A 501 9.40 8.93 -15.57
C VAL A 501 7.97 8.90 -16.07
N LYS A 502 7.14 9.86 -15.63
CA LYS A 502 5.77 9.95 -16.08
C LYS A 502 5.35 11.41 -15.93
N PRO A 503 4.85 12.06 -17.00
CA PRO A 503 4.72 11.53 -18.36
C PRO A 503 6.07 11.46 -19.07
N LEU A 504 6.30 10.37 -19.81
CA LEU A 504 7.54 10.24 -20.57
C LEU A 504 7.57 11.22 -21.73
N ASP A 505 8.79 11.58 -22.14
CA ASP A 505 9.01 12.41 -23.32
C ASP A 505 8.86 11.52 -24.55
N THR A 506 7.60 11.29 -24.94
CA THR A 506 7.30 10.38 -26.03
C THR A 506 7.96 10.82 -27.33
N ALA A 507 7.86 12.12 -27.66
CA ALA A 507 8.42 12.59 -28.92
C ALA A 507 9.92 12.34 -28.99
N LEU A 508 10.64 12.60 -27.90
CA LEU A 508 12.09 12.38 -27.91
C LEU A 508 12.42 10.90 -28.03
N ILE A 509 11.67 10.04 -27.34
CA ILE A 509 11.90 8.60 -27.42
C ILE A 509 11.80 8.14 -28.88
N LEU A 510 10.74 8.55 -29.57
CA LEU A 510 10.56 8.13 -30.96
C LEU A 510 11.66 8.70 -31.85
N GLN A 511 12.08 9.95 -31.59
CA GLN A 511 13.17 10.52 -32.38
C GLN A 511 14.47 9.77 -32.14
N LEU A 512 14.78 9.46 -30.87
CA LEU A 512 15.98 8.68 -30.58
C LEU A 512 15.93 7.32 -31.28
N ALA A 513 14.78 6.66 -31.26
CA ALA A 513 14.66 5.35 -31.87
C ALA A 513 14.87 5.41 -33.38
N GLY A 514 14.51 6.52 -34.01
CA GLY A 514 14.68 6.65 -35.44
C GLY A 514 16.07 7.02 -35.90
N GLU A 515 16.94 7.44 -34.98
CA GLU A 515 18.29 7.86 -35.31
C GLU A 515 19.37 6.98 -34.69
N HIS A 516 19.00 5.90 -33.99
CA HIS A 516 19.95 5.00 -33.38
C HIS A 516 19.55 3.56 -33.65
N ASP A 517 20.53 2.67 -33.55
CA ASP A 517 20.28 1.24 -33.74
C ASP A 517 19.77 0.57 -32.48
N ALA A 518 20.03 1.14 -31.31
CA ALA A 518 19.60 0.55 -30.05
C ALA A 518 19.58 1.62 -28.98
N LEU A 519 18.72 1.43 -27.99
CA LEU A 519 18.63 2.33 -26.84
C LEU A 519 19.07 1.59 -25.58
N VAL A 520 19.38 2.38 -24.55
CA VAL A 520 19.73 1.87 -23.24
C VAL A 520 19.07 2.76 -22.20
N THR A 521 18.32 2.16 -21.27
CA THR A 521 17.70 2.89 -20.18
C THR A 521 18.44 2.58 -18.88
N LEU A 522 18.52 3.59 -18.01
CA LEU A 522 19.30 3.50 -16.78
C LEU A 522 18.50 4.10 -15.63
N GLU A 523 18.38 3.36 -14.53
CA GLU A 523 17.58 3.79 -13.40
C GLU A 523 18.03 3.05 -12.16
N GLU A 524 17.88 3.70 -11.01
CA GLU A 524 18.14 3.07 -9.72
C GLU A 524 16.80 2.60 -9.13
N ASN A 525 16.25 1.59 -9.80
CA ASN A 525 14.93 1.07 -9.52
C ASN A 525 14.81 -0.30 -10.19
N ALA A 526 13.88 -1.10 -9.71
CA ALA A 526 13.63 -2.41 -10.31
C ALA A 526 13.45 -2.26 -11.82
N ILE A 527 14.13 -3.14 -12.57
CA ILE A 527 13.92 -3.19 -14.01
C ILE A 527 12.46 -3.51 -14.31
N MET A 528 11.88 -4.46 -13.58
CA MET A 528 10.51 -4.89 -13.85
C MET A 528 9.53 -3.78 -13.50
N GLY A 529 8.83 -3.28 -14.52
CA GLY A 529 7.85 -2.23 -14.35
C GLY A 529 8.41 -0.83 -14.18
N GLY A 530 9.73 -0.66 -14.26
CA GLY A 530 10.34 0.61 -13.96
C GLY A 530 10.29 1.60 -15.12
N ALA A 531 11.12 2.64 -14.99
CA ALA A 531 11.13 3.72 -15.97
C ALA A 531 11.49 3.21 -17.35
N GLY A 532 12.53 2.38 -17.45
CA GLY A 532 12.92 1.82 -18.74
C GLY A 532 11.83 0.97 -19.35
N SER A 533 11.13 0.20 -18.52
CA SER A 533 9.98 -0.56 -19.00
C SER A 533 8.94 0.37 -19.64
N GLY A 534 8.77 1.56 -19.07
CA GLY A 534 7.87 2.53 -19.68
C GLY A 534 8.34 2.98 -21.05
N VAL A 535 9.65 3.09 -21.24
CA VAL A 535 10.19 3.43 -22.55
C VAL A 535 9.87 2.31 -23.54
N ASN A 536 10.01 1.05 -23.11
CA ASN A 536 9.64 -0.07 -23.98
C ASN A 536 8.18 0.05 -24.43
N GLU A 537 7.29 0.40 -23.50
CA GLU A 537 5.88 0.49 -23.83
C GLU A 537 5.62 1.54 -24.89
N VAL A 538 6.34 2.67 -24.84
CA VAL A 538 6.16 3.73 -25.83
C VAL A 538 6.56 3.22 -27.22
N LEU A 539 7.73 2.61 -27.32
CA LEU A 539 8.21 2.12 -28.61
C LEU A 539 7.27 1.07 -29.18
N MET A 540 6.86 0.12 -28.34
CA MET A 540 5.95 -0.93 -28.79
C MET A 540 4.62 -0.36 -29.24
N ALA A 541 4.09 0.62 -28.50
CA ALA A 541 2.81 1.22 -28.86
C ALA A 541 2.86 1.87 -30.24
N HIS A 542 4.01 2.40 -30.64
CA HIS A 542 4.19 2.99 -31.96
C HIS A 542 4.80 2.03 -32.97
N ARG A 543 4.83 0.73 -32.64
CA ARG A 543 5.32 -0.29 -33.56
C ARG A 543 6.76 0.00 -34.00
N ARG A 544 7.57 0.51 -33.09
CA ARG A 544 8.97 0.82 -33.34
C ARG A 544 9.82 -0.30 -32.74
N ALA A 545 10.19 -1.26 -33.58
CA ALA A 545 10.98 -2.41 -33.12
C ALA A 545 12.46 -2.02 -33.10
N VAL A 546 12.85 -1.32 -32.03
CA VAL A 546 14.23 -0.94 -31.78
C VAL A 546 14.62 -1.53 -30.43
N PRO A 547 15.68 -2.34 -30.35
CA PRO A 547 15.98 -3.03 -29.08
C PRO A 547 16.44 -2.06 -28.00
N VAL A 548 16.03 -2.32 -26.76
CA VAL A 548 16.34 -1.48 -25.62
C VAL A 548 16.96 -2.35 -24.53
N LEU A 549 18.10 -1.92 -24.01
CA LEU A 549 18.71 -2.58 -22.86
C LEU A 549 18.27 -1.85 -21.59
N ASN A 550 17.40 -2.49 -20.81
CA ASN A 550 16.94 -1.93 -19.55
C ASN A 550 17.96 -2.26 -18.47
N ILE A 551 18.62 -1.24 -17.93
CA ILE A 551 19.58 -1.41 -16.84
C ILE A 551 18.95 -0.86 -15.57
N GLY A 552 19.03 -1.64 -14.50
CA GLY A 552 18.44 -1.23 -13.24
C GLY A 552 18.67 -2.29 -12.19
N LEU A 553 17.81 -2.30 -11.18
CA LEU A 553 17.98 -3.26 -10.10
C LEU A 553 17.46 -4.63 -10.53
N PRO A 554 18.17 -5.71 -10.19
CA PRO A 554 17.71 -7.05 -10.58
C PRO A 554 16.50 -7.47 -9.75
N ASP A 555 15.91 -8.59 -10.15
CA ASP A 555 14.67 -9.07 -9.54
C ASP A 555 14.95 -9.93 -8.31
N TYR A 556 15.68 -9.35 -7.37
CA TYR A 556 15.85 -9.94 -6.05
C TYR A 556 16.12 -8.83 -5.04
N PHE A 557 15.79 -9.09 -3.77
CA PHE A 557 15.98 -8.09 -2.73
C PHE A 557 17.47 -7.89 -2.47
N ILE A 558 17.90 -6.63 -2.47
CA ILE A 558 19.31 -6.28 -2.40
C ILE A 558 19.77 -6.32 -0.95
N PRO A 559 20.75 -7.16 -0.57
CA PRO A 559 21.27 -7.12 0.80
C PRO A 559 21.93 -5.78 1.10
N GLN A 560 22.11 -5.52 2.39
CA GLN A 560 22.64 -4.25 2.83
C GLN A 560 24.15 -4.18 2.60
N GLY A 561 24.63 -2.96 2.41
CA GLY A 561 26.05 -2.71 2.22
C GLY A 561 26.27 -1.23 2.06
N THR A 562 27.45 -0.85 1.60
CA THR A 562 27.67 0.55 1.25
C THR A 562 27.13 0.81 -0.14
N GLN A 563 26.64 2.04 -0.35
CA GLN A 563 26.11 2.41 -1.66
C GLN A 563 27.13 2.11 -2.76
N GLU A 564 28.40 2.40 -2.50
CA GLU A 564 29.43 2.24 -3.52
C GLU A 564 29.57 0.78 -3.94
N GLU A 565 29.65 -0.13 -2.96
CA GLU A 565 29.90 -1.54 -3.29
C GLU A 565 28.66 -2.24 -3.80
N ILE A 566 27.46 -1.80 -3.40
CA ILE A 566 26.24 -2.35 -3.99
C ILE A 566 26.15 -1.95 -5.46
N ARG A 567 26.37 -0.67 -5.76
CA ARG A 567 26.36 -0.22 -7.14
C ARG A 567 27.37 -0.99 -7.98
N ALA A 568 28.56 -1.23 -7.43
CA ALA A 568 29.57 -1.99 -8.17
C ALA A 568 29.13 -3.44 -8.36
N ASP A 569 28.60 -4.07 -7.31
CA ASP A 569 28.20 -5.47 -7.41
C ASP A 569 27.09 -5.65 -8.44
N LEU A 570 26.17 -4.69 -8.52
CA LEU A 570 25.04 -4.79 -9.44
C LEU A 570 25.39 -4.30 -10.85
N GLY A 571 26.60 -3.82 -11.07
CA GLY A 571 26.98 -3.32 -12.38
C GLY A 571 26.34 -2.00 -12.73
N LEU A 572 26.18 -1.12 -11.75
CA LEU A 572 25.58 0.19 -11.97
C LEU A 572 26.60 1.32 -11.91
N ASP A 573 27.88 1.00 -11.83
CA ASP A 573 28.92 1.98 -12.02
C ASP A 573 29.26 2.05 -13.50
N ALA A 574 30.15 2.99 -13.87
CA ALA A 574 30.48 3.18 -15.28
C ALA A 574 31.01 1.91 -15.91
N ALA A 575 31.92 1.21 -15.21
CA ALA A 575 32.51 -0.01 -15.77
C ALA A 575 31.46 -1.09 -15.98
N GLY A 576 30.54 -1.24 -15.03
CA GLY A 576 29.51 -2.27 -15.17
C GLY A 576 28.52 -1.96 -16.28
N ILE A 577 28.16 -0.68 -16.42
CA ILE A 577 27.22 -0.30 -17.47
C ILE A 577 27.83 -0.55 -18.85
N GLU A 578 29.09 -0.15 -19.04
CA GLU A 578 29.76 -0.41 -20.31
C GLU A 578 29.80 -1.90 -20.61
N ALA A 579 30.12 -2.72 -19.61
CA ALA A 579 30.21 -4.16 -19.83
C ALA A 579 28.86 -4.75 -20.23
N LYS A 580 27.78 -4.29 -19.57
CA LYS A 580 26.46 -4.79 -19.92
C LYS A 580 26.09 -4.43 -21.36
N ILE A 581 26.42 -3.21 -21.78
CA ILE A 581 26.11 -2.79 -23.15
C ILE A 581 26.88 -3.63 -24.15
N ARG A 582 28.18 -3.84 -23.90
CA ARG A 582 28.99 -4.61 -24.83
C ARG A 582 28.49 -6.05 -24.95
N ASP A 583 28.29 -6.73 -23.81
CA ASP A 583 27.80 -8.09 -23.85
C ASP A 583 26.45 -8.18 -24.54
N TRP A 584 25.58 -7.20 -24.29
CA TRP A 584 24.24 -7.21 -24.86
C TRP A 584 24.29 -7.02 -26.37
N LEU A 585 25.19 -6.17 -26.86
CA LEU A 585 25.37 -5.96 -28.29
C LEU A 585 26.20 -7.04 -28.97
N ALA A 586 26.78 -7.96 -28.21
CA ALA A 586 27.61 -9.01 -28.78
C ALA A 586 26.77 -10.02 -29.55
N ASP B 4 -43.78 14.69 -7.61
CA ASP B 4 -45.06 15.38 -7.55
C ASP B 4 -45.36 15.87 -6.13
N ILE B 5 -46.31 16.79 -6.01
CA ILE B 5 -46.64 17.35 -4.71
C ILE B 5 -47.43 16.35 -3.89
N ALA B 6 -48.29 15.55 -4.54
CA ALA B 6 -49.15 14.63 -3.81
C ALA B 6 -48.33 13.67 -2.94
N LYS B 7 -47.17 13.24 -3.42
CA LYS B 7 -46.36 12.30 -2.67
C LYS B 7 -45.50 13.03 -1.62
N TYR B 8 -44.71 14.00 -2.06
CA TYR B 8 -43.69 14.64 -1.22
C TYR B 8 -43.93 16.14 -1.20
N PRO B 9 -44.93 16.62 -0.46
CA PRO B 9 -45.15 18.08 -0.39
C PRO B 9 -44.04 18.81 0.34
N THR B 10 -43.42 18.18 1.35
CA THR B 10 -42.35 18.84 2.09
C THR B 10 -41.03 18.77 1.33
N LEU B 11 -40.74 17.63 0.72
CA LEU B 11 -39.50 17.48 -0.03
C LEU B 11 -39.51 18.37 -1.28
N ALA B 12 -40.67 18.51 -1.93
CA ALA B 12 -40.75 19.36 -3.10
C ALA B 12 -40.56 20.84 -2.75
N LEU B 13 -40.92 21.23 -1.52
CA LEU B 13 -40.67 22.58 -1.07
C LEU B 13 -39.17 22.88 -1.03
N VAL B 14 -38.39 21.94 -0.49
CA VAL B 14 -36.95 22.16 -0.33
C VAL B 14 -36.28 22.34 -1.69
N ASP B 15 -36.37 21.32 -2.54
CA ASP B 15 -35.63 21.33 -3.80
C ASP B 15 -36.02 22.49 -4.71
N SER B 16 -37.22 23.04 -4.56
CA SER B 16 -37.64 24.13 -5.43
C SER B 16 -36.79 25.37 -5.22
N THR B 17 -36.42 25.65 -3.97
CA THR B 17 -35.67 26.85 -3.64
C THR B 17 -34.72 26.62 -2.49
N GLN B 18 -34.18 25.40 -2.39
CA GLN B 18 -33.19 25.01 -1.37
C GLN B 18 -33.37 25.77 -0.06
N GLU B 19 -34.50 25.55 0.60
CA GLU B 19 -34.86 26.27 1.81
C GLU B 19 -34.75 25.40 3.06
N LEU B 20 -33.99 24.31 3.01
CA LEU B 20 -34.02 23.35 4.11
C LEU B 20 -33.89 24.05 5.46
N ARG B 21 -32.87 24.89 5.62
CA ARG B 21 -32.66 25.56 6.89
C ARG B 21 -33.74 26.58 7.21
N LEU B 22 -34.63 26.89 6.27
CA LEU B 22 -35.78 27.74 6.56
C LEU B 22 -36.98 26.96 7.08
N LEU B 23 -37.04 25.65 6.83
CA LEU B 23 -38.18 24.87 7.28
C LEU B 23 -38.30 24.93 8.80
N PRO B 24 -39.52 24.92 9.33
CA PRO B 24 -39.68 24.82 10.78
C PRO B 24 -39.20 23.47 11.29
N LYS B 25 -38.49 23.50 12.42
CA LYS B 25 -38.02 22.30 13.09
C LYS B 25 -39.08 21.21 13.10
N GLU B 26 -40.34 21.60 13.21
CA GLU B 26 -41.43 20.65 13.38
C GLU B 26 -41.71 19.84 12.12
N SER B 27 -41.27 20.33 10.95
CA SER B 27 -41.54 19.66 9.69
C SER B 27 -40.50 18.59 9.34
N LEU B 28 -39.38 18.53 10.05
CA LEU B 28 -38.28 17.66 9.66
C LEU B 28 -38.65 16.19 9.76
N PRO B 29 -39.33 15.74 10.81
CA PRO B 29 -39.73 14.33 10.85
C PRO B 29 -40.51 13.89 9.62
N LYS B 30 -41.40 14.75 9.12
CA LYS B 30 -42.15 14.42 7.92
C LYS B 30 -41.26 14.45 6.68
N LEU B 31 -40.32 15.39 6.62
CA LEU B 31 -39.39 15.43 5.50
C LEU B 31 -38.57 14.15 5.43
N CYS B 32 -38.16 13.62 6.59
CA CYS B 32 -37.41 12.37 6.59
C CYS B 32 -38.26 11.21 6.08
N ASP B 33 -39.53 11.14 6.50
CA ASP B 33 -40.42 10.11 5.99
C ASP B 33 -40.55 10.19 4.48
N GLU B 34 -40.77 11.40 3.97
CA GLU B 34 -40.93 11.57 2.53
C GLU B 34 -39.66 11.22 1.78
N LEU B 35 -38.51 11.64 2.31
CA LEU B 35 -37.25 11.34 1.64
C LEU B 35 -36.96 9.84 1.64
N ARG B 36 -37.22 9.17 2.76
CA ARG B 36 -36.99 7.72 2.81
C ARG B 36 -37.90 6.98 1.84
N ARG B 37 -39.18 7.35 1.79
CA ARG B 37 -40.08 6.68 0.87
C ARG B 37 -39.79 7.05 -0.58
N TYR B 38 -39.28 8.26 -0.81
CA TYR B 38 -38.87 8.65 -2.16
C TYR B 38 -37.76 7.76 -2.67
N LEU B 39 -36.78 7.46 -1.83
CA LEU B 39 -35.71 6.55 -2.23
C LEU B 39 -36.22 5.14 -2.44
N LEU B 40 -37.20 4.71 -1.64
CA LEU B 40 -37.76 3.38 -1.80
C LEU B 40 -38.59 3.26 -3.07
N ASP B 41 -39.17 4.38 -3.53
CA ASP B 41 -39.88 4.37 -4.80
C ASP B 41 -38.95 4.26 -6.00
N SER B 42 -37.64 4.34 -5.78
CA SER B 42 -36.67 4.23 -6.87
C SER B 42 -35.79 3.00 -6.70
N GLY B 53 -27.67 4.21 1.15
CA GLY B 53 -27.60 4.46 2.58
C GLY B 53 -28.91 4.99 3.14
N LEU B 54 -29.94 4.14 3.12
CA LEU B 54 -31.26 4.55 3.57
C LEU B 54 -31.30 4.86 5.06
N GLY B 55 -30.39 4.29 5.85
CA GLY B 55 -30.36 4.55 7.28
C GLY B 55 -29.77 5.89 7.68
N THR B 56 -29.22 6.64 6.72
CA THR B 56 -28.60 7.93 7.01
C THR B 56 -29.53 9.11 6.71
N VAL B 57 -30.82 8.84 6.48
CA VAL B 57 -31.75 9.92 6.14
C VAL B 57 -31.80 10.95 7.25
N GLU B 58 -32.16 10.51 8.47
CA GLU B 58 -32.30 11.46 9.58
C GLU B 58 -31.00 12.20 9.84
N LEU B 59 -29.87 11.49 9.81
CA LEU B 59 -28.58 12.14 10.01
C LEU B 59 -28.31 13.19 8.95
N THR B 60 -28.59 12.86 7.69
CA THR B 60 -28.32 13.79 6.60
C THR B 60 -29.15 15.06 6.74
N VAL B 61 -30.45 14.90 6.98
CA VAL B 61 -31.33 16.06 7.18
C VAL B 61 -30.83 16.89 8.35
N ALA B 62 -30.50 16.24 9.47
CA ALA B 62 -30.06 16.98 10.65
C ALA B 62 -28.78 17.74 10.37
N LEU B 63 -27.84 17.12 9.64
CA LEU B 63 -26.56 17.77 9.36
C LEU B 63 -26.76 18.99 8.47
N HIS B 64 -27.49 18.84 7.37
CA HIS B 64 -27.72 19.96 6.47
C HIS B 64 -28.59 21.04 7.11
N TYR B 65 -29.41 20.68 8.09
CA TYR B 65 -30.24 21.67 8.77
C TYR B 65 -29.43 22.49 9.77
N VAL B 66 -28.43 21.87 10.40
CA VAL B 66 -27.64 22.54 11.44
C VAL B 66 -26.42 23.24 10.85
N TYR B 67 -25.75 22.62 9.89
CA TYR B 67 -24.52 23.16 9.34
C TYR B 67 -24.81 24.01 8.10
N ASN B 68 -23.95 25.00 7.88
CA ASN B 68 -24.11 25.94 6.77
C ASN B 68 -23.43 25.39 5.52
N THR B 69 -23.95 24.28 5.03
CA THR B 69 -23.43 23.69 3.81
C THR B 69 -23.91 24.49 2.59
N PRO B 70 -23.13 24.50 1.50
CA PRO B 70 -21.86 23.80 1.30
C PRO B 70 -20.63 24.58 1.78
N PHE B 71 -20.83 25.71 2.46
CA PHE B 71 -19.69 26.42 3.04
C PHE B 71 -19.00 25.54 4.08
N ASP B 72 -19.74 25.11 5.10
CA ASP B 72 -19.26 24.04 5.97
C ASP B 72 -19.06 22.78 5.16
N ARG B 73 -17.96 22.07 5.43
CA ARG B 73 -17.55 20.91 4.65
C ARG B 73 -18.03 19.63 5.32
N LEU B 74 -18.78 18.82 4.58
CA LEU B 74 -19.33 17.56 5.06
C LEU B 74 -18.71 16.43 4.26
N ILE B 75 -18.00 15.54 4.94
CA ILE B 75 -17.23 14.47 4.31
C ILE B 75 -17.83 13.14 4.72
N TRP B 76 -18.06 12.27 3.74
CA TRP B 76 -18.67 10.97 3.96
C TRP B 76 -17.62 9.88 3.73
N ASP B 77 -17.32 9.12 4.80
CA ASP B 77 -16.41 7.99 4.75
C ASP B 77 -17.23 6.74 5.06
N VAL B 78 -17.96 6.26 4.06
CA VAL B 78 -19.03 5.29 4.26
C VAL B 78 -18.89 4.18 3.22
N GLY B 79 -19.58 3.07 3.46
CA GLY B 79 -19.62 1.96 2.55
C GLY B 79 -20.75 1.97 1.54
N HIS B 80 -21.49 3.08 1.45
CA HIS B 80 -22.59 3.22 0.51
C HIS B 80 -22.43 4.52 -0.27
N GLN B 81 -23.39 4.80 -1.15
CA GLN B 81 -23.32 5.98 -2.02
C GLN B 81 -23.80 7.25 -1.34
N ALA B 82 -24.44 7.15 -0.18
CA ALA B 82 -25.00 8.32 0.53
C ALA B 82 -25.97 9.08 -0.37
N TYR B 83 -27.01 8.37 -0.79
CA TYR B 83 -28.00 8.93 -1.70
C TYR B 83 -28.80 10.05 -1.04
N PRO B 84 -29.21 9.91 0.24
CA PRO B 84 -29.89 11.04 0.88
C PRO B 84 -29.09 12.33 0.82
N HIS B 85 -27.77 12.24 0.98
CA HIS B 85 -26.92 13.42 0.85
C HIS B 85 -26.94 13.96 -0.58
N LYS B 86 -26.97 13.07 -1.58
CA LYS B 86 -26.87 13.50 -2.96
C LYS B 86 -28.14 14.18 -3.44
N ILE B 87 -29.30 13.81 -2.89
CA ILE B 87 -30.55 14.47 -3.26
C ILE B 87 -30.61 15.86 -2.66
N LEU B 88 -30.45 15.95 -1.33
CA LEU B 88 -30.54 17.24 -0.65
C LEU B 88 -29.53 18.24 -1.20
N THR B 89 -28.37 17.76 -1.69
CA THR B 89 -27.39 18.64 -2.28
C THR B 89 -27.52 18.75 -3.79
N GLY B 90 -28.27 17.85 -4.42
CA GLY B 90 -28.47 17.90 -5.86
C GLY B 90 -29.47 18.95 -6.29
N SER B 124 -13.07 14.19 -0.94
CA SER B 124 -12.43 13.37 0.09
C SER B 124 -13.46 12.45 0.72
N THR B 125 -12.96 11.39 1.35
CA THR B 125 -13.84 10.38 1.92
C THR B 125 -13.12 9.69 3.07
N SER B 126 -12.63 10.46 4.04
CA SER B 126 -12.02 9.84 5.22
C SER B 126 -11.83 10.88 6.32
N ILE B 127 -11.74 10.37 7.55
CA ILE B 127 -11.43 11.21 8.70
C ILE B 127 -10.10 11.92 8.49
N SER B 128 -9.12 11.22 7.90
CA SER B 128 -7.82 11.83 7.66
C SER B 128 -7.96 13.13 6.88
N ALA B 129 -8.72 13.09 5.78
CA ALA B 129 -8.93 14.30 4.99
C ALA B 129 -9.70 15.34 5.79
N GLY B 130 -10.66 14.90 6.62
CA GLY B 130 -11.41 15.84 7.43
C GLY B 130 -10.52 16.61 8.39
N ILE B 131 -9.49 15.95 8.92
CA ILE B 131 -8.53 16.65 9.78
C ILE B 131 -7.81 17.73 8.99
N GLY B 132 -7.33 17.39 7.79
CA GLY B 132 -6.68 18.39 6.96
C GLY B 132 -7.60 19.55 6.61
N VAL B 133 -8.85 19.25 6.28
CA VAL B 133 -9.81 20.30 5.97
C VAL B 133 -10.06 21.15 7.22
N ALA B 134 -10.15 20.52 8.38
CA ALA B 134 -10.38 21.27 9.62
C ALA B 134 -9.21 22.20 9.92
N ILE B 135 -7.98 21.70 9.76
CA ILE B 135 -6.81 22.55 9.96
C ILE B 135 -6.80 23.69 8.95
N ALA B 136 -7.16 23.39 7.69
CA ALA B 136 -7.22 24.45 6.69
C ALA B 136 -8.28 25.47 7.05
N ALA B 137 -9.41 25.03 7.61
CA ALA B 137 -10.47 25.96 7.98
C ALA B 137 -10.05 26.86 9.13
N ALA B 138 -9.29 26.31 10.10
CA ALA B 138 -8.81 27.12 11.21
C ALA B 138 -7.85 28.19 10.72
N LYS B 139 -6.87 27.80 9.89
CA LYS B 139 -5.92 28.79 9.36
C LYS B 139 -6.60 29.77 8.42
N GLU B 140 -7.68 29.36 7.75
CA GLU B 140 -8.46 30.30 6.96
C GLU B 140 -9.10 31.38 7.84
N ASP B 141 -9.47 31.02 9.07
CA ASP B 141 -10.00 31.98 10.04
C ASP B 141 -11.24 32.69 9.51
N LYS B 142 -12.14 31.91 8.91
CA LYS B 142 -13.46 32.40 8.50
C LYS B 142 -14.59 31.58 9.13
N GLN B 143 -14.30 30.90 10.24
CA GLN B 143 -15.30 30.15 11.00
C GLN B 143 -15.95 29.05 10.16
N ARG B 144 -15.22 28.48 9.21
CA ARG B 144 -15.72 27.35 8.45
C ARG B 144 -15.62 26.08 9.28
N ARG B 145 -16.67 25.26 9.23
CA ARG B 145 -16.77 24.06 10.04
C ARG B 145 -16.58 22.82 9.18
N ALA B 146 -16.03 21.77 9.79
CA ALA B 146 -15.77 20.51 9.09
C ALA B 146 -16.43 19.37 9.86
N VAL B 147 -17.17 18.54 9.13
CA VAL B 147 -17.82 17.36 9.70
C VAL B 147 -17.46 16.15 8.86
N CYS B 148 -17.24 15.02 9.51
CA CYS B 148 -16.99 13.75 8.84
C CYS B 148 -17.94 12.69 9.40
N VAL B 149 -18.61 11.98 8.51
CA VAL B 149 -19.43 10.82 8.87
C VAL B 149 -18.65 9.57 8.50
N ILE B 150 -18.50 8.65 9.46
CA ILE B 150 -17.74 7.43 9.25
C ILE B 150 -18.58 6.24 9.70
N GLY B 151 -18.57 5.18 8.90
CA GLY B 151 -19.30 3.98 9.25
C GLY B 151 -18.58 3.15 10.30
N ASP B 152 -19.35 2.22 10.89
CA ASP B 152 -18.79 1.36 11.93
C ASP B 152 -17.81 0.33 11.35
N GLY B 153 -17.87 0.06 10.05
CA GLY B 153 -16.86 -0.77 9.42
C GLY B 153 -15.62 0.03 9.09
N ALA B 154 -15.81 1.23 8.54
CA ALA B 154 -14.67 2.05 8.13
C ALA B 154 -13.81 2.45 9.32
N ILE B 155 -14.41 2.58 10.51
CA ILE B 155 -13.63 3.01 11.66
C ILE B 155 -12.74 1.92 12.24
N THR B 156 -12.84 0.69 11.72
CA THR B 156 -11.96 -0.39 12.14
C THR B 156 -10.62 -0.35 11.42
N ALA B 157 -10.43 0.54 10.45
CA ALA B 157 -9.20 0.59 9.70
C ALA B 157 -8.09 1.26 10.51
N GLY B 158 -6.86 0.79 10.30
CA GLY B 158 -5.73 1.41 10.98
C GLY B 158 -5.61 2.89 10.69
N MET B 159 -5.91 3.30 9.46
CA MET B 159 -5.79 4.71 9.11
C MET B 159 -6.74 5.57 9.94
N ALA B 160 -7.92 5.04 10.26
CA ALA B 160 -8.85 5.78 11.10
C ALA B 160 -8.27 6.02 12.49
N PHE B 161 -7.59 5.02 13.04
CA PHE B 161 -6.94 5.21 14.34
C PHE B 161 -5.75 6.16 14.23
N GLU B 162 -4.97 6.06 13.15
CA GLU B 162 -3.92 7.03 12.91
C GLU B 162 -4.48 8.45 12.89
N ALA B 163 -5.62 8.63 12.21
CA ALA B 163 -6.24 9.95 12.12
C ALA B 163 -6.73 10.42 13.48
N MET B 164 -7.40 9.54 14.24
CA MET B 164 -7.92 9.94 15.54
C MET B 164 -6.80 10.24 16.52
N ASN B 165 -5.69 9.50 16.46
CA ASN B 165 -4.56 9.81 17.31
C ASN B 165 -4.00 11.19 17.01
N HIS B 166 -3.88 11.54 15.74
CA HIS B 166 -3.35 12.85 15.38
C HIS B 166 -4.30 13.96 15.78
N ALA B 167 -5.60 13.77 15.54
CA ALA B 167 -6.59 14.78 15.95
C ALA B 167 -6.55 15.00 17.45
N GLY B 168 -6.31 13.94 18.22
CA GLY B 168 -6.24 14.07 19.67
C GLY B 168 -5.03 14.84 20.16
N ASP B 169 -4.02 15.01 19.31
CA ASP B 169 -2.82 15.76 19.70
C ASP B 169 -2.91 17.22 19.27
N ILE B 170 -3.14 17.48 17.99
CA ILE B 170 -3.21 18.86 17.51
C ILE B 170 -4.58 19.47 17.71
N LYS B 171 -5.61 18.64 17.94
CA LYS B 171 -6.93 19.09 18.38
C LYS B 171 -7.56 20.08 17.40
N PRO B 172 -7.96 19.62 16.23
CA PRO B 172 -8.70 20.49 15.31
C PRO B 172 -10.16 20.58 15.69
N ASP B 173 -10.79 21.67 15.23
CA ASP B 173 -12.24 21.85 15.38
C ASP B 173 -12.91 20.97 14.34
N LEU B 174 -13.18 19.72 14.73
CA LEU B 174 -13.72 18.73 13.82
C LEU B 174 -14.77 17.90 14.54
N LEU B 175 -15.88 17.64 13.85
CA LEU B 175 -16.90 16.72 14.33
C LEU B 175 -16.82 15.42 13.54
N VAL B 176 -16.71 14.31 14.26
CA VAL B 176 -16.75 12.98 13.67
C VAL B 176 -18.05 12.32 14.13
N VAL B 177 -18.87 11.89 13.18
CA VAL B 177 -20.13 11.22 13.45
C VAL B 177 -19.97 9.75 13.09
N LEU B 178 -20.01 8.87 14.09
CA LEU B 178 -19.97 7.44 13.86
C LEU B 178 -21.39 6.92 13.66
N ASN B 179 -21.64 6.35 12.47
CA ASN B 179 -22.94 5.73 12.18
C ASN B 179 -22.83 4.25 12.51
N ASP B 180 -23.31 3.88 13.69
CA ASP B 180 -23.22 2.52 14.21
C ASP B 180 -24.54 1.80 13.93
N ASN B 181 -24.48 0.81 13.04
CA ASN B 181 -25.64 -0.03 12.73
C ASN B 181 -25.34 -1.51 12.96
N GLU B 182 -24.48 -1.80 13.92
CA GLU B 182 -24.16 -3.18 14.28
C GLU B 182 -25.37 -3.86 14.93
N PRO B 205 -18.91 3.19 26.39
CA PRO B 205 -18.61 3.05 24.97
C PRO B 205 -17.58 4.08 24.48
N GLY B 206 -17.68 5.30 25.00
CA GLY B 206 -16.81 6.38 24.59
C GLY B 206 -15.48 6.45 25.28
N THR B 207 -15.21 5.57 26.24
CA THR B 207 -13.91 5.57 26.92
C THR B 207 -12.77 5.48 25.91
N LEU B 208 -12.93 4.62 24.90
CA LEU B 208 -11.90 4.48 23.88
C LEU B 208 -11.65 5.81 23.18
N PHE B 209 -12.72 6.44 22.67
CA PHE B 209 -12.54 7.65 21.88
C PHE B 209 -12.09 8.83 22.73
N GLU B 210 -12.42 8.83 24.02
CA GLU B 210 -11.93 9.88 24.90
C GLU B 210 -10.46 9.70 25.24
N GLU B 211 -10.00 8.44 25.32
CA GLU B 211 -8.57 8.21 25.48
C GLU B 211 -7.79 8.62 24.24
N LEU B 212 -8.41 8.56 23.07
CA LEU B 212 -7.78 9.02 21.84
C LEU B 212 -7.73 10.54 21.72
N GLY B 213 -8.47 11.27 22.55
CA GLY B 213 -8.44 12.71 22.56
C GLY B 213 -9.71 13.40 22.09
N PHE B 214 -10.80 12.67 21.90
CA PHE B 214 -12.05 13.25 21.45
C PHE B 214 -12.99 13.48 22.63
N ASN B 215 -13.83 14.51 22.50
CA ASN B 215 -14.97 14.67 23.37
C ASN B 215 -16.10 13.81 22.83
N TYR B 216 -16.54 12.84 23.64
CA TYR B 216 -17.49 11.83 23.18
C TYR B 216 -18.90 12.18 23.60
N ILE B 217 -19.85 12.00 22.67
CA ILE B 217 -21.26 12.23 22.93
C ILE B 217 -22.04 11.02 22.43
N GLY B 218 -22.95 10.53 23.26
CA GLY B 218 -23.84 9.46 22.86
C GLY B 218 -23.68 8.21 23.71
N PRO B 219 -24.21 7.08 23.21
CA PRO B 219 -24.88 6.94 21.92
C PRO B 219 -26.22 7.68 21.87
N VAL B 220 -26.72 7.98 20.67
CA VAL B 220 -28.01 8.65 20.50
C VAL B 220 -28.79 7.94 19.40
N ASP B 221 -30.10 8.16 19.42
CA ASP B 221 -31.00 7.60 18.41
C ASP B 221 -30.70 8.24 17.06
N GLY B 222 -30.11 7.47 16.15
CA GLY B 222 -29.78 7.98 14.82
C GLY B 222 -30.98 8.23 13.92
N HIS B 223 -32.18 7.82 14.35
CA HIS B 223 -33.40 8.05 13.58
C HIS B 223 -34.32 9.06 14.24
N ASP B 224 -33.86 9.73 15.30
CA ASP B 224 -34.61 10.82 15.93
C ASP B 224 -34.02 12.12 15.41
N VAL B 225 -34.59 12.61 14.31
CA VAL B 225 -34.01 13.77 13.63
C VAL B 225 -34.02 14.98 14.54
N LEU B 226 -35.09 15.19 15.30
CA LEU B 226 -35.14 16.30 16.23
C LEU B 226 -34.06 16.15 17.31
N GLY B 227 -33.87 14.93 17.82
CA GLY B 227 -32.81 14.71 18.79
C GLY B 227 -31.44 15.00 18.21
N LEU B 228 -31.23 14.68 16.92
CA LEU B 228 -29.95 14.94 16.30
C LEU B 228 -29.72 16.44 16.11
N VAL B 229 -30.76 17.17 15.67
CA VAL B 229 -30.62 18.61 15.46
C VAL B 229 -30.23 19.30 16.77
N SER B 230 -30.94 18.99 17.85
CA SER B 230 -30.63 19.58 19.15
C SER B 230 -29.19 19.26 19.56
N THR B 231 -28.78 18.00 19.43
CA THR B 231 -27.43 17.60 19.81
C THR B 231 -26.39 18.25 18.89
N LEU B 232 -26.59 18.16 17.58
CA LEU B 232 -25.64 18.74 16.65
C LEU B 232 -25.50 20.24 16.84
N LYS B 233 -26.58 20.91 17.22
CA LYS B 233 -26.52 22.35 17.47
C LYS B 233 -25.47 22.66 18.54
N ASN B 234 -25.57 22.01 19.70
CA ASN B 234 -24.61 22.27 20.77
C ASN B 234 -23.20 21.88 20.34
N MET B 235 -23.05 20.70 19.73
CA MET B 235 -21.73 20.22 19.38
C MET B 235 -21.06 21.07 18.30
N ARG B 236 -21.87 21.67 17.42
CA ARG B 236 -21.29 22.50 16.36
C ARG B 236 -20.54 23.70 16.91
N ASP B 237 -20.89 24.16 18.11
CA ASP B 237 -20.24 25.31 18.72
C ASP B 237 -19.12 24.93 19.67
N LEU B 238 -19.04 23.67 20.09
CA LEU B 238 -17.94 23.23 20.93
C LEU B 238 -16.63 23.23 20.14
N LYS B 239 -15.52 23.43 20.85
CA LYS B 239 -14.21 23.48 20.25
C LYS B 239 -13.49 22.14 20.40
N GLY B 240 -12.51 21.94 19.53
CA GLY B 240 -11.69 20.75 19.59
C GLY B 240 -12.35 19.56 18.92
N PRO B 241 -11.67 18.42 18.92
CA PRO B 241 -12.23 17.23 18.26
C PRO B 241 -13.44 16.69 19.01
N GLN B 242 -14.54 16.54 18.28
CA GLN B 242 -15.82 16.08 18.83
C GLN B 242 -16.21 14.78 18.15
N PHE B 243 -16.81 13.87 18.92
CA PHE B 243 -17.19 12.54 18.43
C PHE B 243 -18.63 12.27 18.83
N LEU B 244 -19.51 12.16 17.84
CA LEU B 244 -20.92 11.86 18.08
C LEU B 244 -21.18 10.42 17.61
N HIS B 245 -21.68 9.60 18.52
CA HIS B 245 -21.99 8.19 18.24
C HIS B 245 -23.49 8.06 18.09
N ILE B 246 -23.95 7.71 16.88
CA ILE B 246 -25.37 7.52 16.62
C ILE B 246 -25.63 6.04 16.34
N MET B 247 -26.87 5.62 16.61
CA MET B 247 -27.31 4.26 16.39
C MET B 247 -28.39 4.27 15.31
N THR B 248 -28.19 3.47 14.27
CA THR B 248 -29.15 3.35 13.18
C THR B 248 -29.42 1.87 12.90
N LYS B 249 -30.43 1.62 12.09
CA LYS B 249 -30.89 0.25 11.82
C LYS B 249 -31.18 0.06 10.34
N GLY B 283 -24.16 -24.71 -11.89
CA GLY B 283 -23.40 -25.23 -12.99
C GLY B 283 -22.54 -24.19 -13.69
N LEU B 284 -22.84 -22.92 -13.40
CA LEU B 284 -22.06 -21.78 -13.91
C LEU B 284 -21.68 -20.91 -12.73
N PRO B 285 -20.79 -21.39 -11.86
CA PRO B 285 -20.52 -20.68 -10.60
C PRO B 285 -19.69 -19.43 -10.83
N SER B 286 -19.86 -18.48 -9.91
CA SER B 286 -18.97 -17.33 -9.86
C SER B 286 -17.59 -17.77 -9.39
N TYR B 287 -16.58 -16.98 -9.74
CA TYR B 287 -15.25 -17.25 -9.23
C TYR B 287 -15.22 -17.19 -7.71
N SER B 288 -16.00 -16.30 -7.10
CA SER B 288 -16.11 -16.27 -5.66
C SER B 288 -16.64 -17.60 -5.12
N LYS B 289 -17.66 -18.16 -5.80
CA LYS B 289 -18.18 -19.47 -5.42
C LYS B 289 -17.13 -20.56 -5.61
N ILE B 290 -16.41 -20.53 -6.73
CA ILE B 290 -15.33 -21.49 -6.98
C ILE B 290 -14.34 -21.46 -5.83
N PHE B 291 -13.93 -20.26 -5.43
CA PHE B 291 -12.93 -20.14 -4.37
C PHE B 291 -13.47 -20.69 -3.04
N GLY B 292 -14.68 -20.30 -2.67
CA GLY B 292 -15.25 -20.77 -1.43
C GLY B 292 -15.44 -22.28 -1.39
N ASP B 293 -15.91 -22.84 -2.51
CA ASP B 293 -16.03 -24.29 -2.60
C ASP B 293 -14.66 -24.96 -2.46
N TRP B 294 -13.63 -24.36 -3.06
CA TRP B 294 -12.29 -24.94 -2.97
C TRP B 294 -11.76 -24.87 -1.55
N LEU B 295 -12.05 -23.79 -0.81
CA LEU B 295 -11.67 -23.72 0.59
C LEU B 295 -12.28 -24.88 1.37
N CYS B 296 -13.59 -25.07 1.25
CA CYS B 296 -14.24 -26.17 1.98
C CYS B 296 -13.68 -27.52 1.55
N GLU B 297 -13.47 -27.71 0.25
CA GLU B 297 -12.90 -28.95 -0.24
C GLU B 297 -11.52 -29.20 0.36
N THR B 298 -10.71 -28.15 0.45
CA THR B 298 -9.33 -28.33 0.93
C THR B 298 -9.31 -28.54 2.44
N ALA B 299 -10.07 -27.73 3.19
CA ALA B 299 -10.06 -27.85 4.64
C ALA B 299 -10.65 -29.16 5.12
N ALA B 300 -11.48 -29.83 4.29
CA ALA B 300 -12.10 -31.06 4.71
C ALA B 300 -11.10 -32.20 4.86
N LYS B 301 -9.98 -32.15 4.12
CA LYS B 301 -8.98 -33.20 4.15
C LYS B 301 -7.60 -32.67 4.53
N ASP B 302 -7.55 -31.53 5.22
CA ASP B 302 -6.29 -30.90 5.60
C ASP B 302 -6.59 -29.92 6.72
N ASN B 303 -5.89 -30.06 7.85
CA ASN B 303 -6.11 -29.20 9.00
C ASN B 303 -5.13 -28.03 9.06
N LYS B 304 -4.37 -27.80 7.99
CA LYS B 304 -3.44 -26.67 7.97
C LYS B 304 -4.03 -25.42 7.34
N LEU B 305 -5.05 -25.56 6.50
CA LEU B 305 -5.61 -24.41 5.81
C LEU B 305 -6.27 -23.45 6.80
N MET B 306 -5.99 -22.16 6.62
CA MET B 306 -6.64 -21.10 7.38
C MET B 306 -7.01 -20.01 6.38
N ALA B 307 -8.26 -19.54 6.43
CA ALA B 307 -8.75 -18.53 5.51
C ALA B 307 -8.93 -17.21 6.25
N ILE B 308 -8.47 -16.12 5.63
CA ILE B 308 -8.50 -14.79 6.22
C ILE B 308 -9.16 -13.84 5.23
N THR B 309 -10.06 -13.01 5.74
CA THR B 309 -10.67 -11.97 4.93
C THR B 309 -10.76 -10.70 5.77
N PRO B 310 -10.44 -9.53 5.20
CA PRO B 310 -10.69 -8.26 5.91
C PRO B 310 -12.12 -7.78 5.67
N ALA B 311 -13.03 -8.33 6.48
CA ALA B 311 -14.48 -8.08 6.40
C ALA B 311 -15.10 -8.85 5.25
N MET B 312 -16.12 -9.64 5.56
CA MET B 312 -16.86 -10.40 4.57
C MET B 312 -17.90 -9.50 3.92
N ARG B 313 -17.69 -9.16 2.66
CA ARG B 313 -18.54 -8.23 1.94
C ARG B 313 -19.60 -8.98 1.13
N GLU B 314 -20.68 -8.26 0.80
CA GLU B 314 -21.73 -8.83 -0.03
C GLU B 314 -21.14 -9.43 -1.29
N GLY B 315 -21.69 -10.59 -1.69
CA GLY B 315 -21.09 -11.33 -2.78
C GLY B 315 -19.90 -12.16 -2.36
N SER B 316 -19.75 -12.43 -1.06
CA SER B 316 -18.64 -13.21 -0.56
C SER B 316 -18.86 -14.68 -0.84
N GLY B 317 -17.76 -15.38 -1.12
CA GLY B 317 -17.83 -16.81 -1.34
C GLY B 317 -17.53 -17.65 -0.11
N MET B 318 -17.29 -17.01 1.04
CA MET B 318 -16.82 -17.72 2.22
C MET B 318 -17.91 -17.91 3.27
N VAL B 319 -19.18 -17.69 2.92
CA VAL B 319 -20.27 -17.88 3.89
C VAL B 319 -20.33 -19.33 4.33
N GLU B 320 -20.42 -20.26 3.38
CA GLU B 320 -20.47 -21.67 3.72
C GLU B 320 -19.22 -22.09 4.48
N PHE B 321 -18.05 -21.60 4.06
CA PHE B 321 -16.81 -21.95 4.74
C PHE B 321 -16.80 -21.46 6.18
N SER B 322 -17.29 -20.25 6.42
CA SER B 322 -17.29 -19.70 7.77
C SER B 322 -18.17 -20.52 8.70
N LYS B 323 -19.19 -21.19 8.16
CA LYS B 323 -20.11 -21.98 8.98
C LYS B 323 -19.65 -23.42 9.16
N LYS B 324 -18.99 -24.00 8.17
CA LYS B 324 -18.52 -25.38 8.30
C LYS B 324 -17.17 -25.46 9.01
N PHE B 325 -16.34 -24.43 8.90
CA PHE B 325 -15.02 -24.41 9.51
C PHE B 325 -14.82 -23.11 10.30
N PRO B 326 -15.61 -22.92 11.36
CA PRO B 326 -15.54 -21.63 12.09
C PRO B 326 -14.21 -21.37 12.76
N ASP B 327 -13.52 -22.41 13.24
CA ASP B 327 -12.24 -22.22 13.91
C ASP B 327 -11.08 -22.04 12.94
N ARG B 328 -11.35 -22.06 11.63
CA ARG B 328 -10.32 -21.82 10.63
C ARG B 328 -10.66 -20.65 9.72
N TYR B 329 -11.61 -19.82 10.13
CA TYR B 329 -12.04 -18.65 9.39
C TYR B 329 -11.81 -17.41 10.24
N PHE B 330 -11.13 -16.41 9.68
CA PHE B 330 -10.71 -15.23 10.43
C PHE B 330 -11.13 -13.97 9.68
N ASP B 331 -12.14 -13.28 10.20
CA ASP B 331 -12.55 -11.97 9.70
C ASP B 331 -11.91 -10.91 10.60
N VAL B 332 -10.98 -10.14 10.04
CA VAL B 332 -10.21 -9.17 10.81
C VAL B 332 -10.75 -7.76 10.67
N ALA B 333 -12.01 -7.61 10.23
CA ALA B 333 -12.60 -6.31 9.95
C ALA B 333 -11.86 -5.65 8.79
N ILE B 334 -12.17 -4.40 8.50
CA ILE B 334 -11.55 -3.70 7.38
C ILE B 334 -10.11 -3.37 7.75
N ALA B 335 -9.24 -4.39 7.73
CA ALA B 335 -7.88 -4.28 8.23
C ALA B 335 -6.98 -5.12 7.31
N GLU B 336 -6.76 -4.62 6.10
CA GLU B 336 -6.00 -5.38 5.11
C GLU B 336 -4.56 -5.57 5.55
N GLN B 337 -3.97 -4.56 6.20
CA GLN B 337 -2.58 -4.69 6.66
C GLN B 337 -2.44 -5.84 7.65
N HIS B 338 -3.26 -5.85 8.70
CA HIS B 338 -3.17 -6.91 9.69
C HIS B 338 -3.48 -8.27 9.08
N ALA B 339 -4.42 -8.31 8.13
CA ALA B 339 -4.78 -9.57 7.49
C ALA B 339 -3.55 -10.26 6.91
N VAL B 340 -2.71 -9.50 6.19
CA VAL B 340 -1.57 -10.10 5.50
C VAL B 340 -0.49 -10.50 6.50
N THR B 341 -0.20 -9.64 7.49
CA THR B 341 0.83 -9.99 8.45
C THR B 341 0.34 -11.02 9.46
N PHE B 342 -0.96 -11.04 9.75
CA PHE B 342 -1.54 -12.14 10.51
C PHE B 342 -1.35 -13.45 9.78
N ALA B 343 -1.57 -13.45 8.46
CA ALA B 343 -1.29 -14.63 7.65
C ALA B 343 0.18 -15.04 7.75
N ALA B 344 1.08 -14.05 7.74
CA ALA B 344 2.50 -14.36 7.85
C ALA B 344 2.80 -15.11 9.14
N GLY B 345 2.20 -14.68 10.26
CA GLY B 345 2.42 -15.36 11.52
C GLY B 345 1.94 -16.81 11.49
N LEU B 346 0.76 -17.05 10.92
CA LEU B 346 0.26 -18.41 10.79
C LEU B 346 1.22 -19.26 9.96
N ALA B 347 1.76 -18.71 8.88
CA ALA B 347 2.74 -19.43 8.08
C ALA B 347 3.99 -19.75 8.89
N ILE B 348 4.44 -18.79 9.71
CA ILE B 348 5.56 -19.04 10.60
C ILE B 348 5.23 -20.17 11.57
N GLY B 349 3.96 -20.28 11.98
CA GLY B 349 3.51 -21.35 12.83
C GLY B 349 3.21 -22.65 12.12
N ASP B 350 3.59 -22.76 10.84
CA ASP B 350 3.47 -23.97 10.05
C ASP B 350 2.02 -24.30 9.69
N TYR B 351 1.18 -23.29 9.55
CA TYR B 351 -0.13 -23.43 8.93
C TYR B 351 -0.10 -22.78 7.55
N LYS B 352 -1.14 -23.05 6.76
CA LYS B 352 -1.19 -22.63 5.37
C LYS B 352 -2.27 -21.58 5.18
N PRO B 353 -1.95 -20.30 5.34
CA PRO B 353 -2.99 -19.27 5.28
C PRO B 353 -3.34 -18.85 3.86
N VAL B 354 -4.62 -18.54 3.68
CA VAL B 354 -5.14 -18.02 2.41
C VAL B 354 -5.82 -16.69 2.71
N VAL B 355 -5.33 -15.62 2.08
CA VAL B 355 -5.87 -14.28 2.26
C VAL B 355 -6.81 -13.99 1.10
N ALA B 356 -8.09 -13.85 1.41
CA ALA B 356 -9.10 -13.47 0.42
C ALA B 356 -9.26 -11.95 0.47
N ILE B 357 -8.97 -11.28 -0.64
CA ILE B 357 -8.89 -9.82 -0.65
C ILE B 357 -9.18 -9.33 -2.06
N TYR B 358 -9.87 -8.20 -2.16
CA TYR B 358 -10.11 -7.59 -3.47
C TYR B 358 -8.84 -6.96 -4.00
N SER B 359 -8.73 -6.92 -5.33
CA SER B 359 -7.57 -6.30 -5.96
C SER B 359 -7.38 -4.87 -5.48
N THR B 360 -8.44 -4.07 -5.49
CA THR B 360 -8.30 -2.66 -5.12
C THR B 360 -7.92 -2.51 -3.65
N PHE B 361 -8.47 -3.35 -2.78
CA PHE B 361 -8.16 -3.25 -1.35
C PHE B 361 -6.80 -3.84 -1.01
N LEU B 362 -6.28 -4.76 -1.84
CA LEU B 362 -4.92 -5.24 -1.65
C LEU B 362 -3.90 -4.11 -1.74
N GLN B 363 -4.26 -3.00 -2.40
CA GLN B 363 -3.39 -1.83 -2.43
C GLN B 363 -3.06 -1.35 -1.02
N ARG B 364 -3.97 -1.57 -0.07
CA ARG B 364 -3.79 -1.10 1.30
C ARG B 364 -2.77 -1.94 2.08
N ALA B 365 -2.51 -3.17 1.65
CA ALA B 365 -1.57 -4.05 2.33
C ALA B 365 -0.27 -4.25 1.55
N TYR B 366 0.04 -3.31 0.65
CA TYR B 366 1.19 -3.47 -0.24
C TYR B 366 2.48 -3.69 0.54
N ASP B 367 2.71 -2.90 1.58
CA ASP B 367 3.97 -3.00 2.32
C ASP B 367 4.07 -4.33 3.07
N GLN B 368 2.95 -4.83 3.57
CA GLN B 368 2.98 -6.11 4.27
C GLN B 368 3.28 -7.25 3.30
N VAL B 369 2.75 -7.19 2.09
CA VAL B 369 3.07 -8.19 1.07
C VAL B 369 4.58 -8.19 0.80
N ILE B 370 5.19 -7.02 0.69
CA ILE B 370 6.60 -6.95 0.30
C ILE B 370 7.49 -7.40 1.45
N HIS B 371 7.33 -6.80 2.62
CA HIS B 371 8.33 -6.93 3.67
C HIS B 371 7.97 -7.94 4.76
N ASP B 372 6.69 -8.31 4.90
CA ASP B 372 6.31 -9.35 5.83
C ASP B 372 6.16 -10.72 5.19
N VAL B 373 6.01 -10.79 3.86
CA VAL B 373 5.73 -12.05 3.19
C VAL B 373 6.80 -12.34 2.13
N ALA B 374 6.93 -11.46 1.14
CA ALA B 374 7.84 -11.72 0.03
C ALA B 374 9.29 -11.78 0.50
N ILE B 375 9.73 -10.78 1.26
CA ILE B 375 11.11 -10.76 1.73
C ILE B 375 11.40 -12.02 2.54
N GLN B 376 10.43 -12.50 3.30
CA GLN B 376 10.61 -13.68 4.15
C GLN B 376 10.36 -14.98 3.40
N LYS B 377 9.88 -14.92 2.16
CA LYS B 377 9.58 -16.11 1.37
C LYS B 377 8.55 -16.99 2.08
N LEU B 378 7.62 -16.38 2.78
CA LEU B 378 6.59 -17.15 3.46
C LEU B 378 5.50 -17.58 2.47
N PRO B 379 5.06 -18.85 2.52
CA PRO B 379 4.06 -19.31 1.54
C PRO B 379 2.62 -18.91 1.89
N VAL B 380 2.31 -17.65 1.64
CA VAL B 380 0.96 -17.13 1.79
C VAL B 380 0.30 -17.13 0.42
N LEU B 381 -0.92 -17.65 0.35
CA LEU B 381 -1.70 -17.65 -0.88
C LEU B 381 -2.66 -16.47 -0.87
N PHE B 382 -2.60 -15.65 -1.92
CA PHE B 382 -3.48 -14.50 -2.07
C PHE B 382 -4.52 -14.83 -3.13
N ALA B 383 -5.77 -14.92 -2.71
CA ALA B 383 -6.90 -15.13 -3.61
C ALA B 383 -7.52 -13.77 -3.86
N ILE B 384 -7.24 -13.19 -5.03
CA ILE B 384 -7.54 -11.80 -5.31
C ILE B 384 -8.81 -11.75 -6.15
N ASP B 385 -9.92 -11.36 -5.51
CA ASP B 385 -11.21 -11.21 -6.17
C ASP B 385 -11.34 -9.81 -6.75
N ARG B 386 -12.42 -9.59 -7.51
CA ARG B 386 -12.69 -8.29 -8.12
C ARG B 386 -11.49 -7.76 -8.89
N ALA B 387 -10.73 -8.67 -9.50
CA ALA B 387 -9.61 -8.27 -10.34
C ALA B 387 -10.11 -7.79 -11.69
N GLY B 388 -9.43 -6.79 -12.25
CA GLY B 388 -9.84 -6.27 -13.55
C GLY B 388 -11.09 -5.43 -13.44
N ILE B 389 -11.97 -5.59 -14.42
CA ILE B 389 -13.17 -4.76 -14.53
C ILE B 389 -14.21 -5.30 -13.56
N VAL B 390 -14.49 -4.53 -12.50
CA VAL B 390 -15.48 -4.95 -11.52
C VAL B 390 -16.89 -4.63 -11.99
N GLY B 391 -17.05 -3.60 -12.78
CA GLY B 391 -18.39 -3.12 -13.17
C GLY B 391 -18.98 -2.18 -12.12
N ALA B 392 -20.04 -2.63 -11.46
CA ALA B 392 -20.69 -1.87 -10.40
C ALA B 392 -21.06 -2.82 -9.25
N ASP B 393 -20.03 -3.44 -8.66
CA ASP B 393 -20.26 -4.30 -7.51
C ASP B 393 -20.94 -3.53 -6.38
N GLY B 394 -20.36 -2.39 -6.01
CA GLY B 394 -20.95 -1.53 -5.00
C GLY B 394 -20.13 -0.28 -4.80
N GLN B 395 -19.28 -0.28 -3.79
CA GLN B 395 -18.30 0.78 -3.57
C GLN B 395 -16.90 0.35 -3.96
N THR B 396 -16.78 -0.71 -4.77
CA THR B 396 -15.49 -1.29 -5.11
C THR B 396 -14.95 -0.60 -6.37
N HIS B 397 -13.71 -0.11 -6.27
CA HIS B 397 -13.03 0.40 -7.45
C HIS B 397 -12.53 -0.75 -8.30
N GLN B 398 -12.22 -0.45 -9.56
CA GLN B 398 -11.70 -1.46 -10.47
C GLN B 398 -10.41 -2.04 -9.93
N GLY B 399 -10.20 -3.33 -10.16
CA GLY B 399 -8.94 -3.97 -9.84
C GLY B 399 -7.98 -3.83 -10.99
N ALA B 400 -7.43 -2.63 -11.17
CA ALA B 400 -6.77 -2.25 -12.41
C ALA B 400 -5.25 -2.35 -12.34
N PHE B 401 -4.66 -2.60 -11.18
CA PHE B 401 -3.23 -2.43 -11.01
C PHE B 401 -2.47 -3.60 -10.41
N ASP B 402 -3.15 -4.68 -9.97
CA ASP B 402 -2.45 -5.70 -9.21
C ASP B 402 -1.39 -6.43 -10.04
N LEU B 403 -1.63 -6.61 -11.34
CA LEU B 403 -0.59 -7.23 -12.16
C LEU B 403 0.61 -6.32 -12.36
N SER B 404 0.45 -5.02 -12.12
CA SER B 404 1.58 -4.11 -12.19
C SER B 404 2.36 -4.07 -10.87
N PHE B 405 1.69 -3.79 -9.75
CA PHE B 405 2.43 -3.57 -8.51
C PHE B 405 2.87 -4.88 -7.84
N LEU B 406 2.29 -6.02 -8.22
CA LEU B 406 2.78 -7.28 -7.69
C LEU B 406 4.01 -7.77 -8.44
N ARG B 407 4.06 -7.58 -9.76
CA ARG B 407 5.10 -8.25 -10.53
C ARG B 407 6.46 -7.58 -10.44
N CYS B 408 6.55 -6.36 -9.88
CA CYS B 408 7.86 -5.77 -9.63
C CYS B 408 8.48 -6.25 -8.33
N ILE B 409 7.74 -7.02 -7.53
CA ILE B 409 8.24 -7.52 -6.25
C ILE B 409 8.95 -8.85 -6.46
N PRO B 410 10.20 -9.01 -6.01
CA PRO B 410 10.87 -10.31 -6.16
C PRO B 410 10.16 -11.40 -5.38
N ASP B 411 10.28 -12.64 -5.88
CA ASP B 411 9.82 -13.83 -5.19
C ASP B 411 8.30 -13.87 -5.05
N MET B 412 7.59 -13.25 -6.00
CA MET B 412 6.15 -13.28 -6.06
C MET B 412 5.71 -14.02 -7.31
N VAL B 413 4.88 -15.04 -7.13
CA VAL B 413 4.26 -15.75 -8.24
C VAL B 413 2.87 -15.16 -8.47
N VAL B 414 2.56 -14.82 -9.72
CA VAL B 414 1.31 -14.18 -10.07
C VAL B 414 0.65 -14.99 -11.18
N MET B 415 -0.57 -15.47 -10.93
CA MET B 415 -1.31 -16.31 -11.85
C MET B 415 -2.63 -15.64 -12.23
N THR B 416 -3.03 -15.85 -13.49
CA THR B 416 -4.24 -15.23 -14.06
C THR B 416 -5.06 -16.30 -14.76
N PRO B 417 -5.99 -16.94 -14.05
CA PRO B 417 -6.80 -17.99 -14.68
C PRO B 417 -7.71 -17.42 -15.76
N SER B 418 -7.94 -18.25 -16.79
CA SER B 418 -8.81 -17.89 -17.90
C SER B 418 -10.21 -18.50 -17.78
N ASP B 419 -10.39 -19.50 -16.92
CA ASP B 419 -11.72 -20.03 -16.63
C ASP B 419 -11.71 -20.59 -15.21
N GLU B 420 -12.86 -21.14 -14.80
CA GLU B 420 -13.00 -21.58 -13.41
C GLU B 420 -12.19 -22.84 -13.13
N ASN B 421 -11.93 -23.67 -14.15
CA ASN B 421 -11.05 -24.81 -13.96
C ASN B 421 -9.62 -24.34 -13.72
N GLU B 422 -9.11 -23.48 -14.60
CA GLU B 422 -7.80 -22.87 -14.38
C GLU B 422 -7.71 -22.24 -13.01
N CYS B 423 -8.79 -21.60 -12.56
CA CYS B 423 -8.78 -20.95 -11.24
C CYS B 423 -8.55 -21.98 -10.14
N ARG B 424 -9.27 -23.10 -10.19
CA ARG B 424 -9.08 -24.15 -9.20
C ARG B 424 -7.66 -24.71 -9.26
N GLN B 425 -7.16 -24.97 -10.47
CA GLN B 425 -5.80 -25.49 -10.60
C GLN B 425 -4.78 -24.52 -10.02
N MET B 426 -4.98 -23.22 -10.22
CA MET B 426 -4.01 -22.23 -9.78
C MET B 426 -4.08 -22.01 -8.28
N LEU B 427 -5.29 -22.03 -7.70
CA LEU B 427 -5.38 -22.03 -6.24
C LEU B 427 -4.69 -23.25 -5.65
N TYR B 428 -4.95 -24.42 -6.23
CA TYR B 428 -4.26 -25.64 -5.79
C TYR B 428 -2.75 -25.49 -5.93
N THR B 429 -2.29 -24.95 -7.07
CA THR B 429 -0.86 -24.77 -7.29
C THR B 429 -0.25 -23.87 -6.22
N GLY B 430 -0.86 -22.70 -5.98
CA GLY B 430 -0.33 -21.79 -5.00
C GLY B 430 -0.42 -22.33 -3.57
N TYR B 431 -1.48 -23.09 -3.28
CA TYR B 431 -1.65 -23.61 -1.93
C TYR B 431 -0.53 -24.59 -1.58
N HIS B 432 -0.06 -25.37 -2.54
CA HIS B 432 0.99 -26.35 -2.31
C HIS B 432 2.37 -25.83 -2.69
N TYR B 433 2.47 -24.60 -3.20
CA TYR B 433 3.75 -23.97 -3.47
C TYR B 433 4.36 -23.50 -2.15
N SER B 434 5.54 -24.00 -1.83
CA SER B 434 6.14 -23.77 -0.51
C SER B 434 7.31 -22.80 -0.53
N ASP B 435 7.78 -22.38 -1.70
CA ASP B 435 9.00 -21.57 -1.78
C ASP B 435 8.74 -20.08 -1.59
N GLY B 436 7.49 -19.64 -1.64
CA GLY B 436 7.18 -18.23 -1.50
C GLY B 436 5.71 -17.96 -1.72
N PRO B 437 5.32 -16.68 -1.65
CA PRO B 437 3.90 -16.33 -1.82
C PRO B 437 3.45 -16.51 -3.25
N CYS B 438 2.15 -16.81 -3.40
CA CYS B 438 1.51 -16.93 -4.70
C CYS B 438 0.23 -16.11 -4.71
N ALA B 439 -0.07 -15.54 -5.88
CA ALA B 439 -1.25 -14.72 -6.07
C ALA B 439 -2.07 -15.27 -7.24
N VAL B 440 -3.37 -15.43 -7.02
CA VAL B 440 -4.31 -15.83 -8.06
C VAL B 440 -5.41 -14.78 -8.11
N ARG B 441 -5.49 -14.07 -9.22
CA ARG B 441 -6.43 -12.96 -9.38
C ARG B 441 -7.51 -13.33 -10.40
N TYR B 442 -8.76 -13.09 -10.03
CA TYR B 442 -9.89 -13.42 -10.87
C TYR B 442 -10.94 -12.33 -10.76
N PRO B 443 -11.83 -12.23 -11.74
CA PRO B 443 -12.81 -11.14 -11.74
C PRO B 443 -14.08 -11.50 -10.99
N ARG B 444 -14.84 -10.45 -10.68
CA ARG B 444 -16.23 -10.62 -10.28
C ARG B 444 -17.02 -11.21 -11.43
N GLY B 445 -17.91 -12.13 -11.13
CA GLY B 445 -18.78 -12.73 -12.13
C GLY B 445 -18.48 -14.20 -12.33
N SER B 446 -19.14 -14.76 -13.33
CA SER B 446 -19.12 -16.20 -13.59
C SER B 446 -18.08 -16.56 -14.64
N GLY B 447 -17.79 -17.85 -14.72
CA GLY B 447 -16.85 -18.39 -15.67
C GLY B 447 -17.50 -18.78 -16.98
N THR B 448 -16.90 -19.76 -17.64
CA THR B 448 -17.32 -20.18 -18.97
C THR B 448 -18.06 -21.50 -18.98
N GLY B 449 -18.21 -22.15 -17.83
CA GLY B 449 -18.74 -23.50 -17.81
C GLY B 449 -17.69 -24.56 -18.08
N ALA B 450 -16.41 -24.22 -17.97
CA ALA B 450 -15.35 -25.16 -18.28
C ALA B 450 -15.46 -26.41 -17.42
N THR B 451 -15.11 -27.54 -18.01
CA THR B 451 -15.08 -28.79 -17.25
C THR B 451 -14.06 -28.69 -16.12
N LEU B 452 -14.47 -29.06 -14.91
CA LEU B 452 -13.58 -29.05 -13.77
C LEU B 452 -12.80 -30.36 -13.74
N GLU B 453 -11.49 -30.26 -13.91
CA GLU B 453 -10.62 -31.43 -14.00
C GLU B 453 -10.02 -31.75 -12.64
N PRO B 454 -9.48 -32.96 -12.47
CA PRO B 454 -8.76 -33.26 -11.23
C PRO B 454 -7.67 -32.23 -10.97
N LEU B 455 -7.37 -31.99 -9.70
CA LEU B 455 -6.44 -30.94 -9.32
C LEU B 455 -5.01 -31.45 -9.39
N ALA B 456 -4.14 -30.65 -9.99
CA ALA B 456 -2.71 -30.95 -10.06
C ALA B 456 -1.96 -29.65 -10.26
N SER B 457 -0.81 -29.51 -9.62
CA SER B 457 -0.03 -28.28 -9.73
C SER B 457 0.35 -28.04 -11.19
N LEU B 458 0.17 -26.81 -11.64
CA LEU B 458 0.54 -26.42 -12.99
C LEU B 458 2.05 -26.17 -13.06
N PRO B 459 2.69 -26.52 -14.18
CA PRO B 459 4.11 -26.16 -14.33
C PRO B 459 4.29 -24.65 -14.20
N ILE B 460 5.20 -24.26 -13.30
CA ILE B 460 5.38 -22.85 -12.98
C ILE B 460 5.98 -22.12 -14.19
N GLY B 461 5.37 -21.00 -14.55
CA GLY B 461 5.90 -20.16 -15.61
C GLY B 461 5.75 -20.74 -17.00
N LYS B 462 4.70 -21.53 -17.24
CA LYS B 462 4.46 -22.13 -18.55
C LYS B 462 3.07 -21.76 -19.03
N GLY B 463 2.99 -21.32 -20.29
CA GLY B 463 1.73 -21.07 -20.94
C GLY B 463 1.27 -22.26 -21.78
N VAL B 464 0.06 -22.13 -22.33
CA VAL B 464 -0.57 -23.18 -23.10
C VAL B 464 -0.92 -22.62 -24.48
N VAL B 465 -0.44 -23.28 -25.52
CA VAL B 465 -0.81 -22.91 -26.89
C VAL B 465 -2.23 -23.39 -27.14
N LYS B 466 -3.10 -22.46 -27.51
CA LYS B 466 -4.49 -22.77 -27.79
C LYS B 466 -4.80 -22.86 -29.28
N ARG B 467 -4.00 -22.17 -30.12
CA ARG B 467 -4.27 -22.13 -31.55
C ARG B 467 -2.97 -21.77 -32.26
N GLN B 468 -2.71 -22.46 -33.37
CA GLN B 468 -1.53 -22.20 -34.19
C GLN B 468 -1.97 -21.42 -35.42
N GLY B 469 -1.38 -20.24 -35.63
CA GLY B 469 -1.71 -19.39 -36.75
C GLY B 469 -0.45 -18.93 -37.48
N GLU B 470 -0.52 -17.71 -38.01
CA GLU B 470 0.55 -17.15 -38.80
C GLU B 470 0.59 -15.64 -38.60
N LYS B 471 1.78 -15.07 -38.74
CA LYS B 471 1.97 -13.62 -38.81
C LYS B 471 1.80 -12.96 -37.44
N ILE B 472 0.70 -13.24 -36.75
CA ILE B 472 0.37 -12.61 -35.48
C ILE B 472 0.19 -13.68 -34.42
N ALA B 473 0.66 -13.39 -33.20
CA ALA B 473 0.49 -14.28 -32.06
C ALA B 473 -0.06 -13.48 -30.89
N ILE B 474 -1.15 -13.97 -30.30
CA ILE B 474 -1.83 -13.29 -29.20
C ILE B 474 -1.50 -13.99 -27.90
N LEU B 475 -0.99 -13.23 -26.93
CA LEU B 475 -0.59 -13.74 -25.62
C LEU B 475 -1.60 -13.22 -24.59
N ASN B 476 -2.44 -14.12 -24.09
CA ASN B 476 -3.54 -13.74 -23.21
C ASN B 476 -3.19 -14.01 -21.75
N PHE B 477 -3.52 -13.04 -20.90
CA PHE B 477 -3.38 -13.15 -19.44
C PHE B 477 -4.76 -12.94 -18.82
N GLY B 478 -5.47 -14.03 -18.52
CA GLY B 478 -6.71 -13.92 -17.78
C GLY B 478 -7.98 -14.28 -18.54
N THR B 479 -9.10 -13.71 -18.12
CA THR B 479 -10.42 -14.18 -18.53
C THR B 479 -10.91 -13.57 -19.84
N LEU B 480 -10.10 -12.77 -20.53
CA LEU B 480 -10.48 -12.31 -21.86
C LEU B 480 -10.16 -13.32 -22.95
N LEU B 481 -9.78 -14.54 -22.58
CA LEU B 481 -9.40 -15.54 -23.58
C LEU B 481 -10.50 -15.81 -24.59
N PRO B 482 -11.78 -15.97 -24.22
CA PRO B 482 -12.80 -16.18 -25.24
C PRO B 482 -12.84 -15.07 -26.28
N GLU B 483 -12.63 -13.82 -25.87
CA GLU B 483 -12.54 -12.72 -26.83
C GLU B 483 -11.31 -12.88 -27.71
N ALA B 484 -10.17 -13.26 -27.12
CA ALA B 484 -8.96 -13.45 -27.92
C ALA B 484 -9.11 -14.61 -28.88
N ALA B 485 -9.83 -15.66 -28.47
CA ALA B 485 -10.05 -16.80 -29.35
C ALA B 485 -10.83 -16.41 -30.59
N ALA B 486 -11.86 -15.58 -30.42
CA ALA B 486 -12.63 -15.13 -31.58
C ALA B 486 -11.75 -14.32 -32.52
N VAL B 487 -10.91 -13.43 -31.97
CA VAL B 487 -10.00 -12.65 -32.80
C VAL B 487 -8.99 -13.57 -33.48
N ALA B 488 -8.49 -14.57 -32.75
CA ALA B 488 -7.49 -15.46 -33.31
C ALA B 488 -8.04 -16.22 -34.52
N ASP B 489 -9.29 -16.68 -34.44
CA ASP B 489 -9.93 -17.30 -35.59
C ASP B 489 -10.16 -16.27 -36.69
N LYS B 490 -10.51 -15.04 -36.31
CA LYS B 490 -10.80 -14.00 -37.30
C LYS B 490 -9.58 -13.70 -38.16
N LEU B 491 -8.42 -13.56 -37.54
CA LEU B 491 -7.21 -13.14 -38.21
C LEU B 491 -6.24 -14.28 -38.48
N ASN B 492 -6.66 -15.52 -38.21
CA ASN B 492 -5.78 -16.68 -38.34
C ASN B 492 -4.48 -16.45 -37.57
N ALA B 493 -4.61 -16.07 -36.31
CA ALA B 493 -3.47 -15.79 -35.45
C ALA B 493 -3.18 -16.96 -34.54
N THR B 494 -1.95 -16.99 -34.04
CA THR B 494 -1.58 -17.90 -32.96
C THR B 494 -2.11 -17.35 -31.64
N LEU B 495 -2.56 -18.24 -30.77
CA LEU B 495 -3.14 -17.85 -29.49
C LEU B 495 -2.53 -18.67 -28.37
N VAL B 496 -2.17 -18.00 -27.29
CA VAL B 496 -1.52 -18.62 -26.14
C VAL B 496 -2.19 -18.13 -24.87
N ASP B 497 -2.54 -19.05 -23.98
CA ASP B 497 -2.99 -18.73 -22.63
C ASP B 497 -1.78 -18.74 -21.72
N MET B 498 -1.31 -17.55 -21.33
CA MET B 498 0.00 -17.44 -20.70
C MET B 498 0.00 -17.95 -19.27
N ARG B 499 -1.14 -17.91 -18.58
CA ARG B 499 -1.29 -18.45 -17.23
C ARG B 499 -0.53 -17.66 -16.18
N PHE B 500 0.78 -17.48 -16.37
CA PHE B 500 1.65 -16.86 -15.36
C PHE B 500 2.06 -15.47 -15.82
N VAL B 501 1.75 -14.46 -14.99
CA VAL B 501 2.30 -13.13 -15.19
C VAL B 501 3.72 -13.06 -14.65
N LYS B 502 4.03 -13.84 -13.61
CA LYS B 502 5.38 -13.93 -13.07
C LYS B 502 5.54 -15.27 -12.37
N PRO B 503 6.56 -16.09 -12.72
CA PRO B 503 7.52 -15.87 -13.80
C PRO B 503 6.89 -16.08 -15.17
N LEU B 504 7.30 -15.28 -16.15
CA LEU B 504 6.79 -15.44 -17.50
C LEU B 504 7.41 -16.66 -18.18
N ASP B 505 6.68 -17.20 -19.16
CA ASP B 505 7.19 -18.29 -19.99
C ASP B 505 8.14 -17.68 -21.02
N THR B 506 9.36 -17.41 -20.57
CA THR B 506 10.34 -16.74 -21.43
C THR B 506 10.60 -17.53 -22.71
N ALA B 507 10.77 -18.85 -22.59
CA ALA B 507 11.05 -19.66 -23.77
C ALA B 507 9.94 -19.55 -24.80
N LEU B 508 8.69 -19.62 -24.36
CA LEU B 508 7.57 -19.53 -25.29
C LEU B 508 7.51 -18.15 -25.95
N ILE B 509 7.76 -17.09 -25.17
CA ILE B 509 7.77 -15.74 -25.73
C ILE B 509 8.78 -15.64 -26.86
N LEU B 510 10.01 -16.10 -26.61
CA LEU B 510 11.06 -15.96 -27.62
C LEU B 510 10.75 -16.80 -28.85
N GLN B 511 10.21 -18.00 -28.67
CA GLN B 511 9.86 -18.84 -29.82
C GLN B 511 8.77 -18.18 -30.65
N LEU B 512 7.73 -17.67 -29.99
CA LEU B 512 6.66 -16.98 -30.71
C LEU B 512 7.22 -15.80 -31.49
N ALA B 513 8.11 -15.02 -30.87
CA ALA B 513 8.67 -13.85 -31.53
C ALA B 513 9.50 -14.23 -32.76
N GLY B 514 10.10 -15.43 -32.75
CA GLY B 514 10.88 -15.88 -33.89
C GLY B 514 10.07 -16.46 -35.02
N GLU B 515 8.78 -16.74 -34.81
CA GLU B 515 7.93 -17.33 -35.82
C GLU B 515 6.82 -16.40 -36.27
N HIS B 516 6.74 -15.18 -35.73
CA HIS B 516 5.70 -14.24 -36.09
C HIS B 516 6.32 -12.86 -36.29
N ASP B 517 5.60 -12.01 -37.03
CA ASP B 517 6.07 -10.65 -37.29
C ASP B 517 5.66 -9.68 -36.19
N ALA B 518 4.62 -9.99 -35.43
CA ALA B 518 4.16 -9.10 -34.36
C ALA B 518 3.44 -9.91 -33.31
N LEU B 519 3.56 -9.47 -32.06
CA LEU B 519 2.86 -10.08 -30.94
C LEU B 519 1.79 -9.12 -30.41
N VAL B 520 0.82 -9.70 -29.72
CA VAL B 520 -0.24 -8.96 -29.05
C VAL B 520 -0.40 -9.55 -27.66
N THR B 521 -0.43 -8.68 -26.64
CA THR B 521 -0.70 -9.10 -25.28
C THR B 521 -2.06 -8.57 -24.85
N LEU B 522 -2.77 -9.36 -24.05
CA LEU B 522 -4.12 -9.01 -23.63
C LEU B 522 -4.26 -9.29 -22.13
N GLU B 523 -4.75 -8.29 -21.40
CA GLU B 523 -4.89 -8.41 -19.95
C GLU B 523 -5.96 -7.43 -19.49
N GLU B 524 -6.59 -7.76 -18.37
CA GLU B 524 -7.54 -6.86 -17.73
C GLU B 524 -6.84 -6.16 -16.56
N ASN B 525 -5.94 -5.26 -16.94
CA ASN B 525 -5.04 -4.59 -16.01
C ASN B 525 -4.42 -3.42 -16.76
N ALA B 526 -3.96 -2.44 -15.99
CA ALA B 526 -3.27 -1.30 -16.57
C ALA B 526 -2.18 -1.76 -17.54
N ILE B 527 -2.19 -1.18 -18.74
CA ILE B 527 -1.11 -1.42 -19.69
C ILE B 527 0.23 -1.07 -19.07
N MET B 528 0.30 0.06 -18.36
CA MET B 528 1.56 0.52 -17.80
C MET B 528 1.99 -0.40 -16.65
N GLY B 529 3.14 -1.06 -16.83
CA GLY B 529 3.68 -1.95 -15.84
C GLY B 529 3.04 -3.32 -15.76
N GLY B 530 2.04 -3.59 -16.61
CA GLY B 530 1.27 -4.82 -16.51
C GLY B 530 1.96 -6.02 -17.14
N ALA B 531 1.14 -7.05 -17.40
CA ALA B 531 1.66 -8.32 -17.88
C ALA B 531 2.32 -8.17 -19.24
N GLY B 532 1.66 -7.47 -20.17
CA GLY B 532 2.26 -7.25 -21.47
C GLY B 532 3.57 -6.49 -21.38
N SER B 533 3.63 -5.51 -20.47
CA SER B 533 4.88 -4.80 -20.24
C SER B 533 6.00 -5.77 -19.87
N GLY B 534 5.67 -6.82 -19.11
CA GLY B 534 6.66 -7.84 -18.81
C GLY B 534 7.14 -8.56 -20.05
N VAL B 535 6.23 -8.85 -20.98
CA VAL B 535 6.63 -9.48 -22.24
C VAL B 535 7.59 -8.58 -22.99
N ASN B 536 7.31 -7.27 -23.04
CA ASN B 536 8.23 -6.34 -23.67
C ASN B 536 9.62 -6.45 -23.06
N GLU B 537 9.70 -6.47 -21.73
CA GLU B 537 10.99 -6.53 -21.05
C GLU B 537 11.78 -7.77 -21.46
N VAL B 538 11.11 -8.91 -21.61
CA VAL B 538 11.79 -10.14 -22.00
C VAL B 538 12.39 -10.00 -23.40
N LEU B 539 11.58 -9.55 -24.35
CA LEU B 539 12.06 -9.42 -25.72
C LEU B 539 13.20 -8.42 -25.80
N MET B 540 13.07 -7.28 -25.11
CA MET B 540 14.14 -6.29 -25.12
C MET B 540 15.41 -6.85 -24.51
N ALA B 541 15.30 -7.58 -23.40
CA ALA B 541 16.47 -8.17 -22.77
C ALA B 541 17.23 -9.10 -23.72
N HIS B 542 16.51 -9.79 -24.60
CA HIS B 542 17.12 -10.68 -25.58
C HIS B 542 17.34 -10.00 -26.93
N ARG B 543 17.19 -8.68 -27.00
CA ARG B 543 17.49 -7.91 -28.21
C ARG B 543 16.63 -8.39 -29.38
N ARG B 544 15.36 -8.69 -29.10
CA ARG B 544 14.43 -9.18 -30.11
C ARG B 544 13.54 -8.01 -30.52
N ALA B 545 13.81 -7.45 -31.69
CA ALA B 545 13.06 -6.30 -32.20
C ALA B 545 11.83 -6.79 -32.98
N VAL B 546 10.86 -7.29 -32.22
CA VAL B 546 9.57 -7.68 -32.75
C VAL B 546 8.52 -6.80 -32.07
N PRO B 547 7.69 -6.06 -32.81
CA PRO B 547 6.75 -5.15 -32.15
C PRO B 547 5.64 -5.90 -31.43
N VAL B 548 5.19 -5.31 -30.32
CA VAL B 548 4.18 -5.90 -29.45
C VAL B 548 3.09 -4.88 -29.21
N LEU B 549 1.83 -5.28 -29.45
CA LEU B 549 0.68 -4.44 -29.14
C LEU B 549 0.16 -4.83 -27.75
N ASN B 550 0.35 -3.95 -26.78
CA ASN B 550 -0.11 -4.17 -25.41
C ASN B 550 -1.55 -3.69 -25.31
N ILE B 551 -2.48 -4.63 -25.12
CA ILE B 551 -3.90 -4.31 -24.97
C ILE B 551 -4.27 -4.50 -23.51
N GLY B 552 -4.93 -3.51 -22.94
CA GLY B 552 -5.30 -3.57 -21.54
C GLY B 552 -6.02 -2.31 -21.14
N LEU B 553 -6.00 -2.01 -19.85
CA LEU B 553 -6.70 -0.81 -19.37
C LEU B 553 -5.88 0.43 -19.69
N PRO B 554 -6.52 1.51 -20.14
CA PRO B 554 -5.80 2.74 -20.46
C PRO B 554 -5.41 3.50 -19.20
N ASP B 555 -4.56 4.52 -19.40
CA ASP B 555 -3.97 5.27 -18.28
C ASP B 555 -4.92 6.36 -17.79
N TYR B 556 -6.13 5.94 -17.40
CA TYR B 556 -7.04 6.80 -16.68
C TYR B 556 -7.97 5.94 -15.84
N PHE B 557 -8.49 6.53 -14.77
CA PHE B 557 -9.37 5.79 -13.88
C PHE B 557 -10.71 5.50 -14.58
N ILE B 558 -11.16 4.25 -14.49
CA ILE B 558 -12.33 3.81 -15.25
C ILE B 558 -13.59 4.22 -14.51
N PRO B 559 -14.50 4.99 -15.13
CA PRO B 559 -15.75 5.33 -14.47
C PRO B 559 -16.65 4.11 -14.30
N GLN B 560 -17.59 4.22 -13.37
CA GLN B 560 -18.46 3.11 -13.05
C GLN B 560 -19.38 2.78 -14.23
N GLY B 561 -19.75 1.51 -14.31
CA GLY B 561 -20.63 1.01 -15.35
C GLY B 561 -20.74 -0.48 -15.22
N THR B 562 -21.52 -1.08 -16.12
CA THR B 562 -21.62 -2.53 -16.13
C THR B 562 -20.35 -3.12 -16.74
N GLN B 563 -20.02 -4.34 -16.33
CA GLN B 563 -18.84 -5.01 -16.85
C GLN B 563 -18.87 -5.06 -18.37
N GLU B 564 -20.02 -5.43 -18.94
CA GLU B 564 -20.10 -5.63 -20.39
C GLU B 564 -19.92 -4.32 -21.14
N GLU B 565 -20.44 -3.22 -20.61
CA GLU B 565 -20.35 -1.94 -21.32
C GLU B 565 -19.01 -1.25 -21.10
N ILE B 566 -18.40 -1.42 -19.92
CA ILE B 566 -17.03 -0.95 -19.71
C ILE B 566 -16.10 -1.66 -20.68
N ARG B 567 -16.17 -3.00 -20.73
CA ARG B 567 -15.33 -3.76 -21.64
C ARG B 567 -15.51 -3.30 -23.08
N ALA B 568 -16.76 -3.04 -23.48
CA ALA B 568 -17.01 -2.58 -24.83
C ALA B 568 -16.44 -1.18 -25.05
N ASP B 569 -16.61 -0.28 -24.08
CA ASP B 569 -16.13 1.09 -24.26
C ASP B 569 -14.60 1.16 -24.31
N LEU B 570 -13.92 0.27 -23.59
CA LEU B 570 -12.46 0.24 -23.60
C LEU B 570 -11.90 -0.59 -24.75
N GLY B 571 -12.75 -1.24 -25.53
CA GLY B 571 -12.27 -2.04 -26.64
C GLY B 571 -11.69 -3.38 -26.24
N LEU B 572 -12.18 -3.96 -25.14
CA LEU B 572 -11.67 -5.22 -24.63
C LEU B 572 -12.55 -6.40 -25.00
N ASP B 573 -13.53 -6.20 -25.89
CA ASP B 573 -14.24 -7.31 -26.50
C ASP B 573 -13.57 -7.68 -27.83
N ALA B 574 -14.06 -8.74 -28.44
CA ALA B 574 -13.45 -9.25 -29.66
C ALA B 574 -13.39 -8.17 -30.74
N ALA B 575 -14.48 -7.43 -30.93
CA ALA B 575 -14.51 -6.40 -31.96
C ALA B 575 -13.52 -5.29 -31.65
N GLY B 576 -13.46 -4.85 -30.40
CA GLY B 576 -12.52 -3.81 -30.03
C GLY B 576 -11.08 -4.25 -30.17
N ILE B 577 -10.79 -5.50 -29.81
CA ILE B 577 -9.43 -6.02 -29.93
C ILE B 577 -9.00 -6.07 -31.39
N GLU B 578 -9.88 -6.59 -32.26
CA GLU B 578 -9.55 -6.64 -33.68
C GLU B 578 -9.30 -5.24 -34.23
N ALA B 579 -10.15 -4.27 -33.87
CA ALA B 579 -9.96 -2.91 -34.36
C ALA B 579 -8.61 -2.37 -33.95
N LYS B 580 -8.20 -2.62 -32.69
CA LYS B 580 -6.90 -2.13 -32.24
C LYS B 580 -5.77 -2.74 -33.05
N ILE B 581 -5.83 -4.04 -33.30
CA ILE B 581 -4.77 -4.71 -34.05
C ILE B 581 -4.66 -4.13 -35.45
N ARG B 582 -5.79 -3.97 -36.13
CA ARG B 582 -5.77 -3.47 -37.50
C ARG B 582 -5.24 -2.04 -37.55
N ASP B 583 -5.74 -1.16 -36.68
CA ASP B 583 -5.27 0.22 -36.66
C ASP B 583 -3.78 0.28 -36.33
N TRP B 584 -3.32 -0.60 -35.45
CA TRP B 584 -1.91 -0.62 -35.06
C TRP B 584 -1.01 -1.13 -36.17
N LEU B 585 -1.50 -2.05 -36.99
CA LEU B 585 -0.74 -2.57 -38.11
C LEU B 585 -0.82 -1.68 -39.35
N ALA B 586 -1.74 -0.72 -39.38
CA ALA B 586 -1.85 0.19 -40.52
C ALA B 586 -0.71 1.20 -40.51
#